data_8PVP
#
_entry.id   8PVP
#
_cell.length_a   127.009
_cell.length_b   127.009
_cell.length_c   125.838
_cell.angle_alpha   90.00
_cell.angle_beta   90.00
_cell.angle_gamma   90.00
#
_symmetry.space_group_name_H-M   'P 43 21 2'
#
loop_
_entity.id
_entity.type
_entity.pdbx_description
1 polymer 'Casein kinase II subunit alpha'
2 non-polymer ~{N}-[5-[(3-chloranyl-4-phenyl-phenyl)methylamino]pentyl]isoquinoline-5-sulfonamide
3 non-polymer 'SULFATE ION'
4 water water
#
_entity_poly.entity_id   1
_entity_poly.type   'polypeptide(L)'
_entity_poly.pdbx_seq_one_letter_code
;SMSGPVPSRARVYTDVNTHRPREYWDYESHVVEWGNQDDYQLVRKLGRGKYSEVFEAINITNNEKVVVKILKPVKKKKIK
REIKILENLRGGPNIITLADIVKDPVSRTPALVFEHVNNTDFKQLYQTLTDYDIRFYMYEILKALDYCHSMGIMHRDVKP
HNVMIDHEHRKLRLIDWGLAEFYHPGQEYNVRVASRYFKGPELLVDYQMYDYSLDMWSLGCMLASMIFRKEPFFHGHDNY
DQLVRIAKVLGTEDLYDYIDKYNIELDPRFNDILGRHSRKRWERFVHSENQHLVSPEALDFLDKLLRYDHQSRLTAREAM
EHPYFYTVVKDQARMGSS
;
_entity_poly.pdbx_strand_id   A,B
#
loop_
_chem_comp.id
_chem_comp.type
_chem_comp.name
_chem_comp.formula
FWU non-polymer ~{N}-[5-[(3-chloranyl-4-phenyl-phenyl)methylamino]pentyl]isoquinoline-5-sulfonamide 'C27 H28 Cl N3 O2 S'
SO4 non-polymer 'SULFATE ION' 'O4 S -2'
#
# COMPACT_ATOMS: atom_id res chain seq x y z
N SER A 3 29.56 4.39 25.78
CA SER A 3 28.32 3.61 25.57
C SER A 3 27.19 4.58 25.20
N GLY A 4 25.95 4.08 25.24
CA GLY A 4 24.84 4.68 24.51
C GLY A 4 23.85 5.38 25.42
N PRO A 5 22.56 5.52 24.99
CA PRO A 5 21.60 6.32 25.73
C PRO A 5 21.17 5.66 27.04
N VAL A 6 20.82 6.49 28.02
CA VAL A 6 20.35 6.04 29.32
C VAL A 6 18.93 5.53 29.14
N PRO A 7 18.57 4.36 29.73
CA PRO A 7 17.22 3.82 29.60
C PRO A 7 16.19 4.64 30.37
N SER A 8 14.92 4.44 30.02
CA SER A 8 13.81 5.20 30.57
C SER A 8 12.61 4.27 30.71
N ARG A 9 11.78 4.57 31.72
CA ARG A 9 10.53 3.89 32.02
C ARG A 9 9.41 4.91 32.19
N ALA A 10 8.20 4.58 31.72
CA ALA A 10 7.02 5.37 32.05
C ALA A 10 6.92 5.50 33.58
N ARG A 11 6.57 6.69 34.05
CA ARG A 11 6.29 6.97 35.46
C ARG A 11 5.00 6.30 35.91
N VAL A 12 4.06 6.15 34.97
CA VAL A 12 2.75 5.59 35.31
C VAL A 12 2.43 4.49 34.32
N TYR A 13 1.58 3.57 34.79
CA TYR A 13 1.03 2.49 33.97
C TYR A 13 2.15 1.70 33.32
N THR A 14 3.25 1.52 34.06
CA THR A 14 4.51 1.01 33.50
C THR A 14 4.33 -0.44 33.03
N ASP A 15 3.62 -1.24 33.84
CA ASP A 15 3.64 -2.68 33.67
C ASP A 15 2.25 -3.21 33.37
N VAL A 16 1.35 -2.32 32.90
CA VAL A 16 -0.04 -2.74 32.70
C VAL A 16 -0.13 -3.87 31.66
N ASN A 17 0.73 -3.85 30.63
CA ASN A 17 0.71 -4.87 29.59
C ASN A 17 1.33 -6.18 30.06
N THR A 18 2.34 -6.06 30.95
CA THR A 18 3.06 -7.26 31.36
C THR A 18 2.07 -8.11 32.15
N HIS A 19 1.11 -7.47 32.83
CA HIS A 19 0.14 -8.15 33.71
C HIS A 19 -1.04 -8.74 32.92
N ARG A 20 -1.23 -8.31 31.66
CA ARG A 20 -2.33 -8.78 30.81
C ARG A 20 -1.89 -10.09 30.17
N PRO A 21 -2.86 -10.97 29.84
CA PRO A 21 -2.56 -12.08 28.94
C PRO A 21 -1.86 -11.61 27.67
N ARG A 22 -0.94 -12.43 27.18
CA ARG A 22 -0.15 -12.05 25.97
C ARG A 22 -1.06 -11.64 24.83
N GLU A 23 -2.17 -12.34 24.64
CA GLU A 23 -3.00 -12.04 23.47
C GLU A 23 -3.44 -10.57 23.48
N TYR A 24 -3.50 -9.90 24.64
CA TYR A 24 -3.96 -8.51 24.70
C TYR A 24 -3.08 -7.62 23.79
N TRP A 25 -1.77 -7.83 23.91
CA TRP A 25 -0.81 -6.91 23.28
C TRP A 25 -0.07 -7.57 22.11
N ASP A 26 -0.19 -8.88 21.98
CA ASP A 26 0.62 -9.59 20.97
C ASP A 26 -0.21 -9.61 19.70
N TYR A 27 -0.30 -8.46 19.04
CA TYR A 27 -1.27 -8.27 17.95
C TYR A 27 -0.92 -9.10 16.71
N GLU A 28 0.35 -9.51 16.58
CA GLU A 28 0.73 -10.36 15.43
C GLU A 28 -0.07 -11.67 15.45
N SER A 29 -0.50 -12.14 16.64
CA SER A 29 -1.26 -13.38 16.82
C SER A 29 -2.75 -13.18 16.58
N HIS A 30 -3.21 -11.94 16.48
CA HIS A 30 -4.63 -11.68 16.34
C HIS A 30 -5.13 -12.19 14.99
N VAL A 31 -6.27 -12.90 14.99
CA VAL A 31 -6.91 -13.38 13.76
C VAL A 31 -8.13 -12.48 13.50
N VAL A 32 -8.12 -11.83 12.34
CA VAL A 32 -9.17 -10.87 12.02
C VAL A 32 -10.37 -11.68 11.58
N GLU A 33 -11.56 -11.43 12.17
CA GLU A 33 -12.82 -11.88 11.61
C GLU A 33 -13.33 -10.78 10.66
N TRP A 34 -13.32 -11.08 9.35
CA TRP A 34 -13.99 -10.26 8.30
C TRP A 34 -15.50 -10.45 8.20
N GLY A 35 -16.21 -9.32 8.26
CA GLY A 35 -17.61 -9.27 7.95
C GLY A 35 -17.82 -9.11 6.45
N ASN A 36 -19.09 -8.87 6.11
CA ASN A 36 -19.62 -8.92 4.77
C ASN A 36 -19.71 -7.49 4.22
N GLN A 37 -18.91 -7.23 3.17
CA GLN A 37 -18.91 -5.94 2.48
C GLN A 37 -20.31 -5.56 1.97
N ASP A 38 -21.12 -6.55 1.61
CA ASP A 38 -22.42 -6.28 1.03
C ASP A 38 -23.38 -5.70 2.05
N ASP A 39 -22.99 -5.64 3.32
CA ASP A 39 -23.87 -5.03 4.29
C ASP A 39 -23.88 -3.50 4.22
N TYR A 40 -22.90 -2.92 3.51
CA TYR A 40 -22.70 -1.46 3.51
C TYR A 40 -22.77 -0.93 2.09
N GLN A 41 -23.44 0.21 1.92
CA GLN A 41 -23.41 0.93 0.66
C GLN A 41 -22.82 2.31 0.91
N LEU A 42 -21.78 2.66 0.13
CA LEU A 42 -21.12 3.96 0.28
C LEU A 42 -22.03 5.07 -0.26
N VAL A 43 -22.07 6.19 0.53
CA VAL A 43 -22.86 7.38 0.18
C VAL A 43 -22.00 8.50 -0.41
N ARG A 44 -20.95 8.90 0.29
CA ARG A 44 -20.14 10.03 -0.17
C ARG A 44 -18.79 9.94 0.50
N LYS A 45 -17.80 10.50 -0.21
CA LYS A 45 -16.47 10.63 0.32
C LYS A 45 -16.44 11.78 1.34
N LEU A 46 -15.79 11.54 2.48
CA LEU A 46 -15.65 12.53 3.55
C LEU A 46 -14.26 13.16 3.58
N GLY A 47 -13.24 12.45 3.11
CA GLY A 47 -11.88 12.91 3.23
C GLY A 47 -10.94 11.82 2.77
N ARG A 48 -9.64 12.17 2.62
CA ARG A 48 -8.51 11.26 2.33
C ARG A 48 -7.37 11.52 3.31
N GLY A 49 -6.59 10.46 3.62
CA GLY A 49 -5.42 10.51 4.49
C GLY A 49 -4.23 9.84 3.82
N LYS A 50 -3.06 9.87 4.49
CA LYS A 50 -1.84 9.21 4.00
C LYS A 50 -2.15 7.74 3.67
N TYR A 51 -2.98 7.08 4.53
CA TYR A 51 -3.13 5.62 4.54
C TYR A 51 -4.59 5.17 4.31
N SER A 52 -5.49 6.08 3.88
CA SER A 52 -6.92 5.73 3.72
C SER A 52 -7.73 6.81 3.00
N GLU A 53 -8.93 6.38 2.52
CA GLU A 53 -10.05 7.18 2.04
C GLU A 53 -11.24 6.88 2.96
N VAL A 54 -11.95 7.94 3.38
CA VAL A 54 -13.03 7.84 4.37
C VAL A 54 -14.36 8.22 3.74
N PHE A 55 -15.37 7.37 3.91
CA PHE A 55 -16.70 7.55 3.34
C PHE A 55 -17.79 7.51 4.40
N GLU A 56 -18.87 8.26 4.14
CA GLU A 56 -20.10 8.00 4.85
C GLU A 56 -20.79 6.85 4.11
N ALA A 57 -21.39 5.92 4.87
CA ALA A 57 -22.07 4.80 4.25
C ALA A 57 -23.29 4.48 5.08
N ILE A 58 -24.07 3.52 4.61
CA ILE A 58 -25.27 3.01 5.26
C ILE A 58 -25.17 1.49 5.42
N ASN A 59 -25.46 0.99 6.61
CA ASN A 59 -25.60 -0.44 6.81
C ASN A 59 -27.02 -0.78 6.38
N ILE A 60 -27.16 -1.52 5.27
CA ILE A 60 -28.47 -1.77 4.68
C ILE A 60 -29.23 -2.84 5.49
N THR A 61 -28.56 -3.53 6.44
CA THR A 61 -29.24 -4.52 7.30
C THR A 61 -30.20 -3.83 8.25
N ASN A 62 -29.77 -2.64 8.74
CA ASN A 62 -30.48 -1.95 9.81
C ASN A 62 -30.58 -0.43 9.56
N ASN A 63 -30.17 0.05 8.36
CA ASN A 63 -30.31 1.45 7.95
C ASN A 63 -29.51 2.42 8.84
N GLU A 64 -28.46 1.95 9.55
CA GLU A 64 -27.61 2.83 10.36
C GLU A 64 -26.59 3.56 9.46
N LYS A 65 -26.41 4.87 9.67
CA LYS A 65 -25.27 5.63 9.12
C LYS A 65 -23.97 5.18 9.82
N VAL A 66 -22.91 4.96 9.05
CA VAL A 66 -21.64 4.49 9.55
C VAL A 66 -20.58 5.20 8.73
N VAL A 67 -19.33 5.12 9.20
CA VAL A 67 -18.18 5.64 8.48
C VAL A 67 -17.28 4.48 8.09
N VAL A 68 -16.85 4.43 6.81
CA VAL A 68 -15.95 3.38 6.31
C VAL A 68 -14.61 4.00 5.96
N LYS A 69 -13.56 3.48 6.56
CA LYS A 69 -12.18 3.86 6.35
C LYS A 69 -11.54 2.76 5.51
N ILE A 70 -11.36 3.00 4.20
CA ILE A 70 -10.80 2.01 3.28
C ILE A 70 -9.28 2.19 3.36
N LEU A 71 -8.53 1.15 3.78
CA LEU A 71 -7.10 1.32 3.97
C LEU A 71 -6.35 1.24 2.64
N LYS A 72 -5.47 2.22 2.37
CA LYS A 72 -4.41 2.07 1.36
C LYS A 72 -3.49 0.91 1.78
N PRO A 73 -2.69 0.31 0.85
CA PRO A 73 -1.88 -0.86 1.20
C PRO A 73 -0.92 -0.57 2.37
N VAL A 74 -1.07 -1.40 3.43
CA VAL A 74 -0.21 -1.41 4.61
C VAL A 74 0.00 -2.86 5.08
N LYS A 75 1.18 -3.11 5.67
CA LYS A 75 1.56 -4.45 6.18
C LYS A 75 0.45 -5.07 7.07
N LYS A 76 0.18 -6.38 6.99
CA LYS A 76 -0.87 -7.04 7.74
C LYS A 76 -0.72 -6.77 9.24
N LYS A 77 0.52 -6.69 9.73
CA LYS A 77 0.71 -6.57 11.17
C LYS A 77 0.29 -5.18 11.66
N LYS A 78 0.48 -4.13 10.84
CA LYS A 78 0.05 -2.78 11.21
C LYS A 78 -1.49 -2.64 11.25
N ILE A 79 -2.20 -3.31 10.35
CA ILE A 79 -3.65 -3.38 10.37
C ILE A 79 -4.11 -4.16 11.60
N LYS A 80 -3.46 -5.29 11.90
CA LYS A 80 -3.81 -6.08 13.08
C LYS A 80 -3.63 -5.24 14.36
N ARG A 81 -2.53 -4.46 14.40
CA ARG A 81 -2.26 -3.61 15.55
C ARG A 81 -3.40 -2.63 15.78
N GLU A 82 -3.81 -1.92 14.74
CA GLU A 82 -4.86 -0.91 14.85
C GLU A 82 -6.18 -1.60 15.26
N ILE A 83 -6.52 -2.75 14.67
CA ILE A 83 -7.74 -3.46 15.03
C ILE A 83 -7.70 -3.88 16.50
N LYS A 84 -6.58 -4.48 16.93
CA LYS A 84 -6.48 -4.97 18.29
C LYS A 84 -6.64 -3.82 19.30
N ILE A 85 -5.98 -2.70 19.00
CA ILE A 85 -6.06 -1.53 19.87
C ILE A 85 -7.50 -1.00 19.92
N LEU A 86 -8.15 -0.89 18.77
CA LEU A 86 -9.53 -0.41 18.72
C LEU A 86 -10.44 -1.34 19.52
N GLU A 87 -10.23 -2.65 19.43
CA GLU A 87 -11.05 -3.60 20.17
C GLU A 87 -10.77 -3.49 21.67
N ASN A 88 -9.48 -3.36 22.04
CA ASN A 88 -9.12 -3.25 23.45
C ASN A 88 -9.74 -2.00 24.09
N LEU A 89 -9.83 -0.91 23.31
CA LEU A 89 -10.26 0.40 23.81
C LEU A 89 -11.76 0.61 23.66
N ARG A 90 -12.45 -0.26 22.93
CA ARG A 90 -13.86 -0.09 22.59
C ARG A 90 -14.67 0.11 23.88
N GLY A 91 -15.54 1.12 23.92
CA GLY A 91 -16.33 1.41 25.09
C GLY A 91 -15.65 2.38 26.06
N GLY A 92 -14.37 2.66 25.90
CA GLY A 92 -13.67 3.58 26.76
C GLY A 92 -14.05 5.02 26.44
N PRO A 93 -13.83 5.91 27.41
CA PRO A 93 -14.29 7.29 27.29
C PRO A 93 -13.71 8.03 26.08
N ASN A 94 -14.63 8.48 25.22
CA ASN A 94 -14.31 9.29 24.07
C ASN A 94 -13.44 8.56 23.04
N ILE A 95 -13.41 7.23 23.08
CA ILE A 95 -12.71 6.47 22.04
C ILE A 95 -13.68 6.20 20.91
N ILE A 96 -13.29 6.43 19.66
CA ILE A 96 -14.05 5.99 18.49
C ILE A 96 -14.41 4.49 18.62
N THR A 97 -15.64 4.14 18.27
CA THR A 97 -16.08 2.75 18.27
C THR A 97 -15.91 2.11 16.90
N LEU A 98 -15.09 1.06 16.87
CA LEU A 98 -15.03 0.19 15.71
C LEU A 98 -16.22 -0.74 15.70
N ALA A 99 -17.07 -0.63 14.69
CA ALA A 99 -18.24 -1.48 14.50
C ALA A 99 -17.94 -2.76 13.71
N ASP A 100 -17.00 -2.78 12.78
CA ASP A 100 -16.94 -3.92 11.83
C ASP A 100 -15.71 -3.78 10.96
N ILE A 101 -15.35 -4.87 10.31
CA ILE A 101 -14.12 -4.94 9.53
C ILE A 101 -14.47 -5.75 8.29
N VAL A 102 -14.29 -5.19 7.10
CA VAL A 102 -14.74 -5.85 5.88
C VAL A 102 -13.65 -5.83 4.84
N LYS A 103 -13.83 -6.66 3.81
CA LYS A 103 -12.92 -6.74 2.69
C LYS A 103 -13.76 -6.69 1.42
N ASP A 104 -13.30 -5.83 0.48
CA ASP A 104 -13.55 -5.93 -0.96
C ASP A 104 -12.89 -7.17 -1.57
N PRO A 105 -13.72 -8.18 -1.94
CA PRO A 105 -13.21 -9.47 -2.44
C PRO A 105 -12.76 -9.47 -3.90
N VAL A 106 -12.60 -8.27 -4.49
CA VAL A 106 -11.92 -8.13 -5.78
C VAL A 106 -10.65 -7.28 -5.59
N SER A 107 -10.72 -6.21 -4.80
CA SER A 107 -9.56 -5.39 -4.48
C SER A 107 -8.63 -6.10 -3.49
N ARG A 108 -9.22 -6.99 -2.67
CA ARG A 108 -8.62 -7.49 -1.44
C ARG A 108 -8.35 -6.38 -0.42
N THR A 109 -8.83 -5.13 -0.63
CA THR A 109 -8.63 -4.01 0.29
C THR A 109 -9.43 -4.14 1.57
N PRO A 110 -8.83 -3.92 2.77
CA PRO A 110 -9.57 -3.96 4.04
C PRO A 110 -10.17 -2.60 4.39
N ALA A 111 -11.33 -2.60 5.03
CA ALA A 111 -12.07 -1.40 5.37
C ALA A 111 -12.50 -1.54 6.82
N LEU A 112 -12.25 -0.49 7.62
CA LEU A 112 -12.74 -0.43 8.99
C LEU A 112 -14.04 0.37 9.02
N VAL A 113 -15.02 -0.12 9.77
CA VAL A 113 -16.34 0.47 9.82
C VAL A 113 -16.52 1.02 11.22
N PHE A 114 -16.81 2.32 11.32
CA PHE A 114 -16.94 3.01 12.58
C PHE A 114 -18.37 3.50 12.78
N GLU A 115 -18.66 3.73 14.08
CA GLU A 115 -19.76 4.57 14.55
C GLU A 115 -19.67 5.94 13.85
N HIS A 116 -20.84 6.47 13.43
CA HIS A 116 -20.99 7.83 12.87
C HIS A 116 -21.00 8.91 13.97
N VAL A 117 -20.09 9.89 13.89
CA VAL A 117 -20.09 11.04 14.79
C VAL A 117 -20.34 12.27 13.92
N ASN A 118 -21.31 13.10 14.32
CA ASN A 118 -21.66 14.31 13.59
C ASN A 118 -20.62 15.37 13.91
N ASN A 119 -19.43 15.33 13.27
CA ASN A 119 -18.32 16.31 13.45
C ASN A 119 -18.62 17.65 12.76
N THR A 120 -18.23 18.73 13.45
CA THR A 120 -18.75 20.08 13.28
C THR A 120 -17.80 20.92 12.42
N ASP A 121 -18.38 21.77 11.56
CA ASP A 121 -17.65 22.56 10.58
C ASP A 121 -16.33 23.06 11.18
N PHE A 122 -15.21 22.80 10.46
CA PHE A 122 -13.88 23.13 10.93
C PHE A 122 -13.67 24.65 10.91
N LYS A 123 -13.91 25.26 9.74
CA LYS A 123 -13.78 26.69 9.53
C LYS A 123 -14.57 27.46 10.59
N GLN A 124 -15.83 27.03 10.81
CA GLN A 124 -16.83 27.78 11.53
C GLN A 124 -16.52 27.84 13.04
N LEU A 125 -16.48 26.68 13.70
CA LEU A 125 -16.54 26.60 15.15
C LEU A 125 -15.37 27.38 15.79
N TYR A 126 -14.23 27.46 15.09
CA TYR A 126 -13.00 28.06 15.59
C TYR A 126 -13.19 29.52 16.01
N GLN A 127 -14.07 30.26 15.31
CA GLN A 127 -14.30 31.67 15.58
C GLN A 127 -15.14 31.86 16.84
N THR A 128 -15.65 30.77 17.44
CA THR A 128 -16.60 30.86 18.54
C THR A 128 -16.05 30.25 19.83
N LEU A 129 -14.92 29.52 19.76
CA LEU A 129 -14.42 28.81 20.94
C LEU A 129 -14.22 29.81 22.06
N THR A 130 -14.96 29.62 23.17
CA THR A 130 -14.73 30.36 24.40
C THR A 130 -13.61 29.66 25.20
N ASP A 131 -13.11 30.41 26.21
CA ASP A 131 -12.18 29.88 27.19
C ASP A 131 -12.76 28.61 27.81
N TYR A 132 -14.04 28.63 28.22
CA TYR A 132 -14.67 27.47 28.81
C TYR A 132 -14.65 26.28 27.85
N ASP A 133 -15.00 26.53 26.60
CA ASP A 133 -15.05 25.47 25.60
C ASP A 133 -13.70 24.77 25.49
N ILE A 134 -12.62 25.55 25.44
CA ILE A 134 -11.29 24.98 25.29
C ILE A 134 -10.97 24.10 26.50
N ARG A 135 -11.22 24.59 27.70
CA ARG A 135 -11.01 23.80 28.91
C ARG A 135 -11.82 22.51 28.85
N PHE A 136 -13.09 22.61 28.45
CA PHE A 136 -13.99 21.46 28.42
C PHE A 136 -13.48 20.40 27.44
N TYR A 137 -13.19 20.80 26.20
CA TYR A 137 -12.77 19.84 25.19
C TYR A 137 -11.38 19.28 25.55
N MET A 138 -10.46 20.10 26.09
CA MET A 138 -9.17 19.59 26.55
C MET A 138 -9.40 18.49 27.60
N TYR A 139 -10.32 18.70 28.54
CA TYR A 139 -10.61 17.71 29.58
C TYR A 139 -11.11 16.42 28.93
N GLU A 140 -11.98 16.53 27.91
CA GLU A 140 -12.54 15.37 27.20
C GLU A 140 -11.40 14.59 26.52
N ILE A 141 -10.43 15.29 25.90
CA ILE A 141 -9.29 14.62 25.28
C ILE A 141 -8.49 13.88 26.37
N LEU A 142 -8.28 14.55 27.51
CA LEU A 142 -7.53 13.95 28.60
C LEU A 142 -8.21 12.69 29.10
N LYS A 143 -9.54 12.62 29.13
CA LYS A 143 -10.21 11.39 29.55
C LYS A 143 -9.86 10.24 28.58
N ALA A 144 -9.81 10.51 27.28
CA ALA A 144 -9.44 9.48 26.31
C ALA A 144 -7.98 9.04 26.48
N LEU A 145 -7.08 10.01 26.70
CA LEU A 145 -5.65 9.71 26.86
C LEU A 145 -5.39 8.96 28.16
N ASP A 146 -5.96 9.40 29.28
CA ASP A 146 -5.79 8.66 30.52
C ASP A 146 -6.27 7.23 30.32
N TYR A 147 -7.41 7.08 29.65
CA TYR A 147 -7.95 5.74 29.43
C TYR A 147 -6.98 4.90 28.60
N CYS A 148 -6.57 5.38 27.43
CA CYS A 148 -5.72 4.55 26.58
C CYS A 148 -4.37 4.29 27.24
N HIS A 149 -3.79 5.28 27.90
CA HIS A 149 -2.54 5.08 28.64
C HIS A 149 -2.72 4.01 29.72
N SER A 150 -3.84 4.07 30.45
CA SER A 150 -4.11 3.14 31.53
C SER A 150 -4.28 1.71 30.97
N MET A 151 -4.65 1.61 29.70
CA MET A 151 -4.85 0.37 28.97
C MET A 151 -3.57 -0.02 28.24
N GLY A 152 -2.45 0.66 28.52
CA GLY A 152 -1.16 0.26 27.99
C GLY A 152 -0.91 0.69 26.54
N ILE A 153 -1.58 1.74 26.08
CA ILE A 153 -1.48 2.16 24.67
C ILE A 153 -1.12 3.63 24.58
N MET A 154 -0.15 3.94 23.70
CA MET A 154 0.24 5.29 23.30
C MET A 154 -0.50 5.62 22.00
N HIS A 155 -1.15 6.78 21.88
CA HIS A 155 -1.79 7.12 20.62
C HIS A 155 -0.77 7.50 19.55
N ARG A 156 0.16 8.40 19.89
CA ARG A 156 1.34 8.74 19.09
C ARG A 156 1.01 9.60 17.88
N ASP A 157 -0.22 10.11 17.79
CA ASP A 157 -0.58 10.98 16.67
C ASP A 157 -1.72 11.91 17.10
N VAL A 158 -1.64 12.42 18.33
CA VAL A 158 -2.61 13.39 18.83
C VAL A 158 -2.39 14.72 18.11
N LYS A 159 -3.47 15.25 17.51
CA LYS A 159 -3.48 16.49 16.79
C LYS A 159 -4.94 16.82 16.47
N PRO A 160 -5.24 18.07 16.04
CA PRO A 160 -6.63 18.48 15.79
C PRO A 160 -7.37 17.60 14.79
N HIS A 161 -6.68 17.13 13.75
CA HIS A 161 -7.28 16.28 12.74
C HIS A 161 -7.82 14.97 13.33
N ASN A 162 -7.25 14.54 14.45
CA ASN A 162 -7.58 13.26 15.06
C ASN A 162 -8.55 13.44 16.23
N VAL A 163 -9.15 14.62 16.36
CA VAL A 163 -10.10 14.90 17.43
C VAL A 163 -11.40 15.35 16.73
N MET A 164 -12.41 14.50 16.76
CA MET A 164 -13.73 14.86 16.23
C MET A 164 -14.50 15.56 17.34
N ILE A 165 -15.14 16.71 17.02
CA ILE A 165 -16.09 17.35 17.93
C ILE A 165 -17.49 17.46 17.30
N ASP A 166 -18.48 16.93 17.98
CA ASP A 166 -19.89 17.21 17.72
C ASP A 166 -20.30 18.32 18.67
N HIS A 167 -20.14 19.58 18.27
CA HIS A 167 -20.31 20.68 19.23
C HIS A 167 -21.73 20.75 19.81
N GLU A 168 -22.77 20.51 18.99
CA GLU A 168 -24.17 20.55 19.44
C GLU A 168 -24.40 19.62 20.63
N HIS A 169 -23.71 18.48 20.61
CA HIS A 169 -23.89 17.49 21.65
C HIS A 169 -22.74 17.52 22.66
N ARG A 170 -21.85 18.52 22.57
CA ARG A 170 -20.68 18.62 23.48
C ARG A 170 -19.97 17.26 23.56
N LYS A 171 -19.77 16.64 22.40
CA LYS A 171 -19.24 15.29 22.28
C LYS A 171 -17.89 15.36 21.57
N LEU A 172 -16.95 14.57 22.07
CA LEU A 172 -15.60 14.48 21.48
C LEU A 172 -15.22 13.02 21.29
N ARG A 173 -14.50 12.74 20.20
CA ARG A 173 -13.96 11.42 20.00
C ARG A 173 -12.53 11.52 19.49
N LEU A 174 -11.63 10.72 20.08
CA LEU A 174 -10.27 10.56 19.59
C LEU A 174 -10.27 9.42 18.54
N ILE A 175 -9.81 9.78 17.32
CA ILE A 175 -9.83 8.89 16.16
C ILE A 175 -8.40 8.60 15.69
N ASP A 176 -8.31 7.76 14.66
CA ASP A 176 -7.10 7.43 13.91
C ASP A 176 -5.98 6.80 14.72
N TRP A 177 -6.32 5.63 15.26
CA TRP A 177 -5.44 4.81 16.06
C TRP A 177 -4.39 4.03 15.25
N GLY A 178 -4.21 4.41 13.98
CA GLY A 178 -3.34 3.67 13.05
C GLY A 178 -1.85 3.75 13.40
N LEU A 179 -1.44 4.74 14.19
CA LEU A 179 -0.06 4.92 14.61
C LEU A 179 0.15 4.49 16.06
N ALA A 180 -0.92 4.12 16.78
CA ALA A 180 -0.81 3.77 18.19
C ALA A 180 -0.03 2.47 18.39
N GLU A 181 0.59 2.34 19.56
CA GLU A 181 1.39 1.19 19.93
C GLU A 181 1.22 0.87 21.40
N PHE A 182 1.47 -0.40 21.75
CA PHE A 182 1.49 -0.87 23.13
C PHE A 182 2.80 -0.44 23.81
N TYR A 183 2.71 0.07 25.05
CA TYR A 183 3.87 0.40 25.86
C TYR A 183 4.37 -0.82 26.63
N HIS A 184 5.66 -1.10 26.45
CA HIS A 184 6.37 -2.13 27.17
C HIS A 184 7.62 -1.49 27.70
N PRO A 185 7.91 -1.61 29.00
CA PRO A 185 9.14 -1.04 29.56
C PRO A 185 10.39 -1.60 28.88
N GLY A 186 11.28 -0.73 28.43
CA GLY A 186 12.48 -1.18 27.76
C GLY A 186 12.39 -1.18 26.24
N GLN A 187 11.20 -1.08 25.67
CA GLN A 187 11.07 -1.18 24.23
C GLN A 187 11.53 0.14 23.59
N GLU A 188 12.30 -0.04 22.50
CA GLU A 188 12.77 0.99 21.58
C GLU A 188 11.81 1.10 20.39
N TYR A 189 11.11 2.25 20.36
CA TYR A 189 10.07 2.52 19.37
C TYR A 189 10.62 3.31 18.19
N ASN A 190 9.89 3.23 17.08
CA ASN A 190 10.21 3.96 15.86
C ASN A 190 9.92 5.45 16.11
N VAL A 191 10.91 6.33 15.85
CA VAL A 191 10.72 7.75 16.13
C VAL A 191 10.03 8.44 14.95
N ARG A 192 9.83 7.75 13.81
CA ARG A 192 9.28 8.38 12.61
C ARG A 192 7.76 8.33 12.69
N VAL A 193 7.20 9.01 13.71
CA VAL A 193 5.76 9.02 13.93
C VAL A 193 5.35 10.47 14.16
N ALA A 194 4.06 10.71 14.00
CA ALA A 194 3.40 11.97 14.31
C ALA A 194 3.63 12.99 13.20
N SER A 195 2.79 14.01 13.18
CA SER A 195 2.98 15.09 12.23
C SER A 195 4.09 15.99 12.77
N ARG A 196 4.87 16.57 11.85
CA ARG A 196 6.04 17.41 12.16
C ARG A 196 5.77 18.36 13.33
N TYR A 197 4.67 19.11 13.26
CA TYR A 197 4.42 20.21 14.18
C TYR A 197 4.17 19.69 15.61
N PHE A 198 3.86 18.40 15.73
CA PHE A 198 3.42 17.80 16.98
C PHE A 198 4.44 16.81 17.52
N LYS A 199 5.59 16.69 16.83
CA LYS A 199 6.62 15.75 17.25
C LYS A 199 7.24 16.20 18.56
N GLY A 200 7.34 15.26 19.53
CA GLY A 200 8.04 15.51 20.77
C GLY A 200 9.55 15.62 20.55
N PRO A 201 10.27 16.36 21.43
CA PRO A 201 11.71 16.39 21.37
C PRO A 201 12.38 15.03 21.30
N GLU A 202 11.80 14.04 21.99
CA GLU A 202 12.35 12.69 22.00
C GLU A 202 12.43 12.16 20.57
N LEU A 203 11.41 12.42 19.77
CA LEU A 203 11.41 11.93 18.40
C LEU A 203 12.49 12.65 17.60
N LEU A 204 12.58 13.97 17.80
CA LEU A 204 13.43 14.83 16.98
C LEU A 204 14.92 14.57 17.26
N VAL A 205 15.25 14.14 18.48
CA VAL A 205 16.65 13.82 18.85
C VAL A 205 16.93 12.32 18.69
N ASP A 206 15.93 11.52 18.26
CA ASP A 206 16.10 10.07 18.01
C ASP A 206 16.33 9.33 19.33
N TYR A 207 15.53 9.64 20.37
CA TYR A 207 15.50 8.88 21.62
C TYR A 207 14.33 7.91 21.53
N GLN A 208 14.66 6.62 21.45
CA GLN A 208 13.69 5.59 21.09
C GLN A 208 12.87 5.06 22.28
N MET A 209 13.38 5.20 23.52
CA MET A 209 12.79 4.52 24.66
C MET A 209 11.72 5.40 25.31
N TYR A 210 10.77 5.84 24.47
CA TYR A 210 9.78 6.84 24.88
C TYR A 210 8.52 6.14 25.40
N ASP A 211 7.50 6.91 25.77
CA ASP A 211 6.31 6.33 26.40
C ASP A 211 5.10 7.22 26.15
N TYR A 212 4.06 7.02 26.98
CA TYR A 212 2.78 7.73 26.94
C TYR A 212 2.98 9.25 26.92
N SER A 213 4.06 9.71 27.55
CA SER A 213 4.31 11.15 27.69
C SER A 213 4.48 11.85 26.35
N LEU A 214 4.78 11.11 25.28
CA LEU A 214 4.80 11.67 23.93
C LEU A 214 3.47 12.38 23.65
N ASP A 215 2.36 11.72 24.02
CA ASP A 215 1.03 12.22 23.72
C ASP A 215 0.81 13.57 24.42
N MET A 216 1.42 13.73 25.59
CA MET A 216 1.25 14.94 26.40
C MET A 216 1.96 16.13 25.76
N TRP A 217 3.11 15.91 25.10
CA TRP A 217 3.76 16.96 24.33
C TRP A 217 2.82 17.40 23.20
N SER A 218 2.31 16.42 22.43
CA SER A 218 1.43 16.75 21.30
C SER A 218 0.22 17.55 21.78
N LEU A 219 -0.33 17.15 22.92
CA LEU A 219 -1.48 17.83 23.50
C LEU A 219 -1.09 19.27 23.82
N GLY A 220 0.09 19.48 24.43
CA GLY A 220 0.56 20.82 24.73
C GLY A 220 0.66 21.68 23.47
N CYS A 221 1.11 21.08 22.37
CA CYS A 221 1.19 21.80 21.10
C CYS A 221 -0.19 22.28 20.67
N MET A 222 -1.18 21.39 20.81
CA MET A 222 -2.56 21.73 20.48
C MET A 222 -3.04 22.89 21.35
N LEU A 223 -2.82 22.76 22.67
CA LEU A 223 -3.30 23.79 23.61
C LEU A 223 -2.70 25.13 23.25
N ALA A 224 -1.38 25.19 23.00
CA ALA A 224 -0.72 26.44 22.64
C ALA A 224 -1.39 27.06 21.42
N SER A 225 -1.62 26.22 20.39
CA SER A 225 -2.17 26.73 19.13
C SER A 225 -3.57 27.34 19.38
N MET A 226 -4.35 26.75 20.29
CA MET A 226 -5.74 27.13 20.55
C MET A 226 -5.76 28.44 21.37
N ILE A 227 -5.04 28.49 22.50
CA ILE A 227 -5.12 29.65 23.41
C ILE A 227 -4.44 30.86 22.78
N PHE A 228 -3.43 30.62 21.92
CA PHE A 228 -2.68 31.74 21.35
C PHE A 228 -3.17 32.10 19.95
N ARG A 229 -4.08 31.29 19.38
CA ARG A 229 -4.56 31.49 18.01
C ARG A 229 -3.34 31.54 17.07
N LYS A 230 -2.53 30.48 17.13
CA LYS A 230 -1.35 30.37 16.30
C LYS A 230 -1.20 28.91 15.93
N GLU A 231 -1.65 28.57 14.73
CA GLU A 231 -1.67 27.19 14.25
C GLU A 231 -0.77 27.09 13.03
N PRO A 232 0.31 26.28 13.03
CA PRO A 232 0.80 25.55 14.19
C PRO A 232 1.56 26.47 15.15
N PHE A 233 1.78 26.04 16.38
CA PHE A 233 2.63 26.82 17.27
C PHE A 233 4.11 26.73 16.89
N PHE A 234 4.61 25.50 16.79
CA PHE A 234 6.01 25.25 16.44
C PHE A 234 6.05 24.89 14.96
N HIS A 235 6.37 25.87 14.10
CA HIS A 235 6.23 25.76 12.66
C HIS A 235 7.59 25.47 12.03
N GLY A 236 8.07 24.23 12.09
CA GLY A 236 9.36 23.93 11.49
C GLY A 236 9.31 23.69 9.99
N HIS A 237 10.43 23.93 9.31
CA HIS A 237 10.52 23.70 7.88
C HIS A 237 10.81 22.25 7.56
N ASP A 238 11.43 21.54 8.50
CA ASP A 238 11.74 20.13 8.37
C ASP A 238 11.93 19.61 9.79
N ASN A 239 12.38 18.38 9.96
CA ASN A 239 12.44 17.78 11.30
C ASN A 239 13.54 18.44 12.15
N TYR A 240 14.59 18.90 11.48
CA TYR A 240 15.71 19.54 12.17
C TYR A 240 15.29 20.92 12.66
N ASP A 241 14.76 21.72 11.72
CA ASP A 241 14.25 23.04 12.02
C ASP A 241 13.10 22.96 13.02
N GLN A 242 12.36 21.84 13.07
CA GLN A 242 11.30 21.72 14.07
C GLN A 242 11.89 21.82 15.48
N LEU A 243 13.02 21.15 15.73
CA LEU A 243 13.64 21.25 17.05
C LEU A 243 14.15 22.67 17.29
N VAL A 244 14.65 23.34 16.25
CA VAL A 244 15.09 24.73 16.37
C VAL A 244 13.92 25.62 16.80
N ARG A 245 12.73 25.41 16.22
CA ARG A 245 11.59 26.24 16.57
C ARG A 245 11.22 26.04 18.04
N ILE A 246 11.30 24.79 18.50
CA ILE A 246 11.03 24.48 19.91
C ILE A 246 12.09 25.18 20.77
N ALA A 247 13.35 25.08 20.40
CA ALA A 247 14.47 25.65 21.16
C ALA A 247 14.37 27.18 21.29
N LYS A 248 13.79 27.83 20.28
CA LYS A 248 13.64 29.28 20.33
C LYS A 248 12.59 29.70 21.37
N VAL A 249 11.79 28.75 21.83
CA VAL A 249 10.76 29.02 22.85
C VAL A 249 11.19 28.47 24.22
N LEU A 250 11.47 27.18 24.27
CA LEU A 250 11.83 26.50 25.52
C LEU A 250 13.26 26.82 25.95
N GLY A 251 14.07 27.31 25.02
CA GLY A 251 15.47 27.64 25.28
C GLY A 251 16.40 26.47 25.04
N THR A 252 17.66 26.77 24.75
CA THR A 252 18.64 25.74 24.45
C THR A 252 19.27 25.14 25.70
N GLU A 253 19.31 25.88 26.82
CA GLU A 253 19.95 25.37 28.05
C GLU A 253 19.29 24.06 28.48
N ASP A 254 17.93 24.05 28.52
CA ASP A 254 17.16 22.89 28.98
C ASP A 254 17.29 21.74 27.98
N LEU A 255 17.41 22.08 26.69
CA LEU A 255 17.55 21.08 25.64
C LEU A 255 18.84 20.29 25.86
N TYR A 256 19.95 21.01 26.01
CA TYR A 256 21.25 20.40 26.21
C TYR A 256 21.29 19.67 27.55
N ASP A 257 20.56 20.17 28.58
CA ASP A 257 20.47 19.44 29.86
C ASP A 257 19.82 18.06 29.65
N TYR A 258 18.75 18.00 28.85
CA TYR A 258 18.00 16.78 28.52
C TYR A 258 18.93 15.81 27.80
N ILE A 259 19.62 16.30 26.78
CA ILE A 259 20.55 15.49 25.99
C ILE A 259 21.61 14.89 26.92
N ASP A 260 22.15 15.72 27.82
CA ASP A 260 23.17 15.24 28.77
C ASP A 260 22.59 14.15 29.67
N LYS A 261 21.40 14.39 30.22
CA LYS A 261 20.81 13.48 31.21
C LYS A 261 20.63 12.07 30.62
N TYR A 262 20.21 12.00 29.37
CA TYR A 262 19.94 10.71 28.74
C TYR A 262 21.10 10.23 27.89
N ASN A 263 22.22 10.95 27.88
CA ASN A 263 23.39 10.61 27.08
C ASN A 263 22.98 10.38 25.63
N ILE A 264 22.18 11.32 25.12
CA ILE A 264 21.71 11.22 23.74
C ILE A 264 22.79 11.72 22.78
N GLU A 265 22.98 10.97 21.69
CA GLU A 265 23.94 11.29 20.66
C GLU A 265 23.29 12.20 19.63
N LEU A 266 23.69 13.48 19.63
CA LEU A 266 22.99 14.44 18.83
C LEU A 266 23.58 14.37 17.44
N ASP A 267 22.70 14.26 16.44
CA ASP A 267 23.06 14.43 15.05
C ASP A 267 23.93 15.68 14.88
N PRO A 268 25.12 15.60 14.24
CA PRO A 268 25.99 16.78 14.07
C PRO A 268 25.37 17.92 13.26
N ARG A 269 24.37 17.60 12.41
CA ARG A 269 23.58 18.61 11.72
C ARG A 269 23.08 19.66 12.71
N PHE A 270 22.60 19.23 13.90
CA PHE A 270 21.99 20.14 14.87
C PHE A 270 22.99 21.12 15.48
N ASN A 271 24.24 20.70 15.61
CA ASN A 271 25.24 21.49 16.33
C ASN A 271 25.36 22.87 15.67
N ASP A 272 25.28 22.91 14.33
CA ASP A 272 25.36 24.17 13.59
C ASP A 272 24.15 25.06 13.87
N ILE A 273 22.93 24.49 13.93
CA ILE A 273 21.72 25.26 13.69
C ILE A 273 20.93 25.60 14.97
N LEU A 274 21.14 24.88 16.09
CA LEU A 274 20.41 25.11 17.34
C LEU A 274 20.78 26.46 17.94
N GLY A 275 22.06 26.83 17.88
CA GLY A 275 22.52 28.07 18.49
C GLY A 275 22.28 28.14 20.00
N ARG A 276 22.03 29.37 20.48
CA ARG A 276 21.88 29.68 21.89
C ARG A 276 20.62 30.53 21.97
N HIS A 277 19.64 30.07 22.75
CA HIS A 277 18.37 30.78 22.87
C HIS A 277 17.93 30.76 24.31
N SER A 278 17.42 31.93 24.75
CA SER A 278 16.80 32.07 26.05
C SER A 278 15.45 31.32 26.07
N ARG A 279 15.04 30.87 27.27
CA ARG A 279 13.68 30.41 27.47
C ARG A 279 12.76 31.63 27.50
N LYS A 280 11.74 31.67 26.63
CA LYS A 280 10.88 32.80 26.44
C LYS A 280 9.71 32.73 27.40
N ARG A 281 9.26 33.88 27.87
CA ARG A 281 8.00 33.91 28.59
C ARG A 281 6.83 33.80 27.59
N TRP A 282 5.80 33.07 28.02
CA TRP A 282 4.56 32.86 27.27
C TRP A 282 3.83 34.15 26.95
N GLU A 283 4.15 35.22 27.70
CA GLU A 283 3.57 36.54 27.48
C GLU A 283 3.80 37.10 26.09
N ARG A 284 4.81 36.60 25.36
CA ARG A 284 5.15 37.17 24.05
C ARG A 284 4.13 36.76 22.98
N PHE A 285 3.29 35.75 23.26
CA PHE A 285 2.28 35.22 22.35
C PHE A 285 0.91 35.81 22.70
N VAL A 286 0.78 36.57 23.80
CA VAL A 286 -0.52 37.12 24.19
C VAL A 286 -0.74 38.45 23.46
N HIS A 287 -1.97 38.66 22.99
CA HIS A 287 -2.35 39.86 22.27
C HIS A 287 -3.85 40.06 22.48
N SER A 288 -4.37 41.24 22.07
CA SER A 288 -5.75 41.65 22.35
C SER A 288 -6.79 40.64 21.81
N GLU A 289 -6.46 39.97 20.68
CA GLU A 289 -7.32 39.00 19.99
C GLU A 289 -7.46 37.66 20.75
N ASN A 290 -6.40 37.25 21.48
CA ASN A 290 -6.35 35.90 22.07
C ASN A 290 -6.39 35.98 23.60
N GLN A 291 -6.43 37.19 24.15
CA GLN A 291 -6.27 37.39 25.59
C GLN A 291 -7.39 36.72 26.36
N HIS A 292 -8.57 36.61 25.74
CA HIS A 292 -9.73 36.03 26.40
C HIS A 292 -9.54 34.52 26.63
N LEU A 293 -8.54 33.91 25.98
CA LEU A 293 -8.28 32.47 26.08
C LEU A 293 -7.15 32.18 27.08
N VAL A 294 -6.45 33.22 27.52
CA VAL A 294 -5.16 33.06 28.19
C VAL A 294 -5.33 33.47 29.65
N SER A 295 -4.89 32.62 30.54
CA SER A 295 -5.08 32.75 31.98
C SER A 295 -3.76 32.37 32.63
N PRO A 296 -3.47 32.81 33.87
CA PRO A 296 -2.37 32.23 34.63
C PRO A 296 -2.41 30.70 34.67
N GLU A 297 -3.63 30.20 34.87
CA GLU A 297 -3.87 28.76 34.94
C GLU A 297 -3.48 28.09 33.62
N ALA A 298 -3.93 28.65 32.51
CA ALA A 298 -3.65 28.11 31.20
C ALA A 298 -2.15 28.03 30.97
N LEU A 299 -1.44 29.10 31.33
CA LEU A 299 0.01 29.17 31.07
C LEU A 299 0.77 28.19 31.99
N ASP A 300 0.32 28.05 33.24
CA ASP A 300 0.95 27.13 34.18
C ASP A 300 0.82 25.69 33.65
N PHE A 301 -0.40 25.36 33.21
CA PHE A 301 -0.71 24.05 32.67
C PHE A 301 0.15 23.78 31.43
N LEU A 302 0.13 24.72 30.49
CA LEU A 302 0.87 24.58 29.24
C LEU A 302 2.36 24.33 29.53
N ASP A 303 2.92 25.12 30.47
CA ASP A 303 4.33 25.04 30.85
C ASP A 303 4.68 23.62 31.29
N LYS A 304 3.74 22.94 31.95
CA LYS A 304 3.95 21.64 32.56
C LYS A 304 3.73 20.49 31.58
N LEU A 305 3.19 20.78 30.40
CA LEU A 305 3.14 19.82 29.28
C LEU A 305 4.37 19.94 28.40
N LEU A 306 4.70 21.19 28.01
CA LEU A 306 5.79 21.44 27.07
C LEU A 306 7.17 21.43 27.75
N ARG A 307 7.66 20.24 28.11
CA ARG A 307 9.01 20.04 28.63
C ARG A 307 9.76 19.12 27.69
N TYR A 308 11.03 19.41 27.44
CA TYR A 308 11.95 18.50 26.76
C TYR A 308 11.94 17.11 27.43
N ASP A 309 12.20 17.11 28.75
CA ASP A 309 12.33 15.88 29.51
C ASP A 309 10.96 15.25 29.62
N HIS A 310 10.76 14.14 28.89
CA HIS A 310 9.48 13.43 28.87
C HIS A 310 9.04 13.04 30.29
N GLN A 311 10.00 12.74 31.18
CA GLN A 311 9.69 12.32 32.55
C GLN A 311 9.10 13.47 33.37
N SER A 312 9.32 14.74 32.98
CA SER A 312 8.89 15.88 33.80
C SER A 312 7.50 16.34 33.37
N ARG A 313 6.99 15.87 32.22
CA ARG A 313 5.67 16.29 31.74
C ARG A 313 4.59 15.74 32.68
N LEU A 314 3.49 16.48 32.78
CA LEU A 314 2.32 15.95 33.47
C LEU A 314 1.89 14.62 32.84
N THR A 315 1.42 13.70 33.67
CA THR A 315 0.60 12.60 33.21
C THR A 315 -0.79 13.10 32.86
N ALA A 316 -1.54 12.29 32.12
CA ALA A 316 -2.94 12.64 31.83
C ALA A 316 -3.74 12.88 33.11
N ARG A 317 -3.56 12.02 34.11
CA ARG A 317 -4.38 12.10 35.32
C ARG A 317 -3.95 13.33 36.13
N GLU A 318 -2.65 13.65 36.16
CA GLU A 318 -2.17 14.88 36.80
C GLU A 318 -2.75 16.11 36.10
N ALA A 319 -2.75 16.11 34.77
CA ALA A 319 -3.24 17.22 33.97
C ALA A 319 -4.72 17.53 34.31
N MET A 320 -5.49 16.47 34.50
CA MET A 320 -6.92 16.57 34.78
C MET A 320 -7.15 17.22 36.16
N GLU A 321 -6.16 17.18 37.05
CA GLU A 321 -6.28 17.74 38.41
C GLU A 321 -5.78 19.19 38.43
N HIS A 322 -5.31 19.73 37.29
CA HIS A 322 -4.78 21.09 37.28
C HIS A 322 -5.89 22.11 37.50
N PRO A 323 -5.62 23.22 38.22
CA PRO A 323 -6.55 24.34 38.33
C PRO A 323 -7.21 24.85 37.04
N TYR A 324 -6.56 24.70 35.89
CA TYR A 324 -7.19 25.04 34.61
C TYR A 324 -8.57 24.40 34.45
N PHE A 325 -8.77 23.22 35.04
CA PHE A 325 -10.01 22.46 34.85
C PHE A 325 -10.99 22.58 36.02
N TYR A 326 -10.71 23.41 37.05
CA TYR A 326 -11.54 23.32 38.27
C TYR A 326 -13.01 23.59 37.95
N THR A 327 -13.33 24.58 37.09
CA THR A 327 -14.73 24.92 36.76
C THR A 327 -15.38 23.71 36.06
N VAL A 328 -14.67 23.13 35.08
CA VAL A 328 -15.24 22.00 34.32
C VAL A 328 -15.54 20.85 35.29
N VAL A 329 -14.61 20.55 36.19
CA VAL A 329 -14.75 19.39 37.09
C VAL A 329 -15.99 19.61 37.96
N LYS A 330 -16.18 20.85 38.45
CA LYS A 330 -17.26 21.12 39.38
C LYS A 330 -18.62 20.89 38.72
N ASP A 331 -18.74 21.13 37.41
CA ASP A 331 -19.97 20.81 36.68
C ASP A 331 -20.28 19.31 36.78
N GLN A 332 -19.36 18.46 36.30
CA GLN A 332 -19.57 17.02 36.27
C GLN A 332 -19.47 16.42 37.68
N PRO B 5 -19.64 -26.84 -14.43
CA PRO B 5 -18.63 -26.47 -15.47
C PRO B 5 -17.64 -27.63 -15.72
N VAL B 6 -17.34 -27.86 -17.00
CA VAL B 6 -16.58 -29.01 -17.42
C VAL B 6 -15.11 -28.78 -17.06
N PRO B 7 -14.41 -29.77 -16.49
CA PRO B 7 -12.99 -29.65 -16.20
C PRO B 7 -12.10 -29.55 -17.44
N SER B 8 -10.88 -29.06 -17.25
CA SER B 8 -9.96 -28.79 -18.33
C SER B 8 -8.55 -29.04 -17.85
N ARG B 9 -7.68 -29.47 -18.77
CA ARG B 9 -6.26 -29.72 -18.56
C ARG B 9 -5.44 -29.06 -19.65
N ALA B 10 -4.27 -28.52 -19.30
CA ALA B 10 -3.29 -28.11 -20.30
C ALA B 10 -3.00 -29.27 -21.24
N ARG B 11 -2.89 -28.97 -22.54
CA ARG B 11 -2.45 -29.93 -23.56
C ARG B 11 -0.96 -30.27 -23.40
N VAL B 12 -0.19 -29.32 -22.88
CA VAL B 12 1.24 -29.55 -22.72
C VAL B 12 1.66 -29.21 -21.28
N TYR B 13 2.77 -29.83 -20.90
CA TYR B 13 3.44 -29.60 -19.64
C TYR B 13 2.46 -29.79 -18.48
N THR B 14 1.55 -30.76 -18.62
CA THR B 14 0.41 -30.87 -17.72
C THR B 14 0.87 -31.20 -16.28
N ASP B 15 1.84 -32.12 -16.19
CA ASP B 15 2.16 -32.75 -14.92
C ASP B 15 3.61 -32.44 -14.52
N VAL B 16 4.19 -31.38 -15.11
CA VAL B 16 5.63 -31.16 -14.86
C VAL B 16 5.90 -30.84 -13.41
N ASN B 17 4.95 -30.22 -12.67
CA ASN B 17 5.16 -29.90 -11.26
C ASN B 17 5.00 -31.15 -10.38
N THR B 18 4.12 -32.07 -10.81
CA THR B 18 3.84 -33.22 -9.97
C THR B 18 5.13 -34.05 -9.95
N HIS B 19 5.92 -34.00 -11.01
CA HIS B 19 7.16 -34.80 -11.12
C HIS B 19 8.37 -34.16 -10.41
N ARG B 20 8.25 -32.88 -10.04
CA ARG B 20 9.28 -32.14 -9.31
C ARG B 20 9.17 -32.48 -7.84
N PRO B 21 10.28 -32.38 -7.08
CA PRO B 21 10.19 -32.37 -5.63
C PRO B 21 9.21 -31.30 -5.14
N ARG B 22 8.48 -31.58 -4.07
CA ARG B 22 7.42 -30.64 -3.63
C ARG B 22 7.98 -29.24 -3.39
N GLU B 23 9.20 -29.16 -2.84
CA GLU B 23 9.70 -27.83 -2.54
C GLU B 23 9.77 -26.95 -3.79
N TYR B 24 9.81 -27.51 -5.01
CA TYR B 24 9.87 -26.71 -6.23
C TYR B 24 8.66 -25.74 -6.30
N TRP B 25 7.49 -26.29 -6.00
CA TRP B 25 6.22 -25.57 -6.21
C TRP B 25 5.56 -25.18 -4.90
N ASP B 26 6.02 -25.74 -3.78
CA ASP B 26 5.32 -25.55 -2.50
C ASP B 26 5.87 -24.30 -1.85
N TYR B 27 5.57 -23.14 -2.44
CA TYR B 27 6.28 -21.90 -2.11
C TYR B 27 6.00 -21.42 -0.69
N GLU B 28 4.86 -21.85 -0.10
CA GLU B 28 4.54 -21.45 1.27
C GLU B 28 5.67 -21.92 2.22
N SER B 29 6.36 -23.02 1.89
CA SER B 29 7.42 -23.58 2.73
C SER B 29 8.77 -22.93 2.46
N HIS B 30 8.88 -22.08 1.45
CA HIS B 30 10.16 -21.48 1.11
C HIS B 30 10.60 -20.51 2.22
N VAL B 31 11.87 -20.59 2.60
CA VAL B 31 12.48 -19.68 3.57
C VAL B 31 13.36 -18.68 2.84
N VAL B 32 13.01 -17.40 2.90
CA VAL B 32 13.75 -16.38 2.19
C VAL B 32 15.04 -16.13 2.96
N GLU B 33 16.22 -16.18 2.32
CA GLU B 33 17.44 -15.65 2.91
C GLU B 33 17.57 -14.18 2.49
N TRP B 34 17.36 -13.26 3.47
CA TRP B 34 17.50 -11.81 3.27
C TRP B 34 18.93 -11.29 3.34
N GLY B 35 19.29 -10.54 2.29
CA GLY B 35 20.52 -9.78 2.28
C GLY B 35 20.34 -8.45 3.03
N ASN B 36 21.45 -7.70 3.01
CA ASN B 36 21.58 -6.45 3.76
C ASN B 36 21.31 -5.27 2.81
N GLN B 37 20.25 -4.53 3.16
CA GLN B 37 19.81 -3.38 2.38
C GLN B 37 20.91 -2.34 2.14
N ASP B 38 21.81 -2.22 3.11
CA ASP B 38 22.84 -1.19 3.02
C ASP B 38 23.86 -1.49 1.94
N ASP B 39 23.77 -2.67 1.32
CA ASP B 39 24.69 -2.97 0.23
C ASP B 39 24.33 -2.24 -1.07
N TYR B 40 23.11 -1.67 -1.14
CA TYR B 40 22.65 -0.88 -2.27
C TYR B 40 22.38 0.56 -1.84
N GLN B 41 22.75 1.48 -2.73
CA GLN B 41 22.44 2.88 -2.56
C GLN B 41 21.58 3.30 -3.76
N LEU B 42 20.40 3.86 -3.46
CA LEU B 42 19.42 4.27 -4.46
C LEU B 42 19.94 5.48 -5.24
N VAL B 43 19.76 5.41 -6.59
CA VAL B 43 20.21 6.47 -7.51
C VAL B 43 19.01 7.31 -8.01
N ARG B 44 17.99 6.68 -8.56
CA ARG B 44 16.86 7.43 -9.08
C ARG B 44 15.68 6.49 -9.21
N LYS B 45 14.51 7.10 -9.16
CA LYS B 45 13.26 6.39 -9.40
C LYS B 45 13.10 6.15 -10.90
N LEU B 46 12.70 4.92 -11.26
CA LEU B 46 12.45 4.54 -12.66
C LEU B 46 10.96 4.48 -12.98
N GLY B 47 10.11 4.24 -12.00
CA GLY B 47 8.70 4.03 -12.28
C GLY B 47 8.01 3.56 -11.02
N ARG B 48 6.65 3.51 -11.06
CA ARG B 48 5.78 2.93 -10.02
C ARG B 48 4.75 1.99 -10.66
N GLY B 49 4.33 0.94 -9.94
CA GLY B 49 3.37 -0.05 -10.40
C GLY B 49 2.28 -0.27 -9.34
N LYS B 50 1.29 -1.11 -9.65
CA LYS B 50 0.21 -1.44 -8.72
C LYS B 50 0.82 -1.94 -7.41
N TYR B 51 1.93 -2.73 -7.49
CA TYR B 51 2.46 -3.51 -6.37
C TYR B 51 3.89 -3.09 -5.92
N SER B 52 4.44 -2.00 -6.49
CA SER B 52 5.84 -1.64 -6.28
C SER B 52 6.24 -0.25 -6.80
N GLU B 53 7.43 0.19 -6.33
CA GLU B 53 8.20 1.36 -6.72
C GLU B 53 9.56 0.86 -7.18
N VAL B 54 10.05 1.32 -8.35
CA VAL B 54 11.25 0.76 -8.98
C VAL B 54 12.33 1.82 -9.06
N PHE B 55 13.53 1.48 -8.65
CA PHE B 55 14.67 2.39 -8.62
C PHE B 55 15.90 1.80 -9.32
N GLU B 56 16.71 2.67 -9.90
CA GLU B 56 18.08 2.33 -10.21
C GLU B 56 18.88 2.47 -8.93
N ALA B 57 19.80 1.52 -8.67
CA ALA B 57 20.67 1.63 -7.52
C ALA B 57 22.04 1.14 -7.93
N ILE B 58 22.97 1.23 -6.99
CA ILE B 58 24.36 0.76 -7.11
C ILE B 58 24.65 -0.19 -5.96
N ASN B 59 25.21 -1.35 -6.26
CA ASN B 59 25.73 -2.25 -5.24
C ASN B 59 27.11 -1.73 -4.85
N ILE B 60 27.22 -1.24 -3.60
CA ILE B 60 28.41 -0.50 -3.20
C ILE B 60 29.58 -1.47 -2.93
N THR B 61 29.30 -2.80 -2.87
CA THR B 61 30.36 -3.81 -2.70
C THR B 61 31.29 -3.83 -3.91
N ASN B 62 30.65 -3.70 -5.10
CA ASN B 62 31.36 -3.92 -6.36
C ASN B 62 30.98 -2.87 -7.42
N ASN B 63 30.22 -1.81 -7.04
CA ASN B 63 29.83 -0.70 -7.91
C ASN B 63 29.04 -1.15 -9.16
N GLU B 64 28.32 -2.29 -9.08
CA GLU B 64 27.47 -2.65 -10.21
C GLU B 64 26.09 -1.96 -10.10
N LYS B 65 25.59 -1.48 -11.25
CA LYS B 65 24.24 -0.96 -11.42
C LYS B 65 23.23 -2.13 -11.29
N VAL B 66 22.16 -1.92 -10.53
CA VAL B 66 21.12 -2.90 -10.30
C VAL B 66 19.82 -2.15 -10.31
N VAL B 67 18.71 -2.89 -10.37
CA VAL B 67 17.36 -2.35 -10.26
C VAL B 67 16.72 -2.91 -8.98
N VAL B 68 16.12 -2.05 -8.17
CA VAL B 68 15.47 -2.44 -6.91
C VAL B 68 13.97 -2.19 -7.05
N LYS B 69 13.19 -3.25 -6.85
CA LYS B 69 11.74 -3.21 -6.84
C LYS B 69 11.31 -3.32 -5.38
N ILE B 70 10.86 -2.19 -4.80
CA ILE B 70 10.40 -2.15 -3.42
C ILE B 70 8.93 -2.54 -3.45
N LEU B 71 8.56 -3.63 -2.75
CA LEU B 71 7.18 -4.12 -2.82
C LEU B 71 6.25 -3.28 -1.94
N LYS B 72 5.12 -2.83 -2.50
CA LYS B 72 3.99 -2.38 -1.65
C LYS B 72 3.49 -3.56 -0.81
N PRO B 73 2.86 -3.34 0.37
CA PRO B 73 2.46 -4.47 1.21
C PRO B 73 1.51 -5.41 0.48
N VAL B 74 1.93 -6.69 0.42
CA VAL B 74 1.09 -7.85 0.07
C VAL B 74 1.40 -9.01 1.04
N LYS B 75 0.47 -9.96 1.05
CA LYS B 75 0.54 -11.21 1.82
C LYS B 75 1.92 -11.90 1.66
N LYS B 76 2.52 -12.45 2.76
CA LYS B 76 3.85 -13.06 2.71
C LYS B 76 3.88 -14.18 1.66
N LYS B 77 2.74 -14.88 1.46
CA LYS B 77 2.65 -16.00 0.53
C LYS B 77 2.93 -15.54 -0.91
N LYS B 78 2.39 -14.38 -1.29
CA LYS B 78 2.55 -13.83 -2.63
C LYS B 78 3.98 -13.37 -2.91
N ILE B 79 4.67 -12.82 -1.92
CA ILE B 79 6.08 -12.48 -2.02
C ILE B 79 6.90 -13.77 -2.16
N LYS B 80 6.59 -14.78 -1.33
CA LYS B 80 7.31 -16.05 -1.42
C LYS B 80 7.13 -16.67 -2.82
N ARG B 81 5.90 -16.59 -3.34
CA ARG B 81 5.59 -17.15 -4.66
C ARG B 81 6.46 -16.50 -5.72
N GLU B 82 6.54 -15.17 -5.75
CA GLU B 82 7.32 -14.47 -6.77
C GLU B 82 8.79 -14.83 -6.61
N ILE B 83 9.32 -14.86 -5.38
CA ILE B 83 10.72 -15.21 -5.16
C ILE B 83 11.01 -16.63 -5.67
N LYS B 84 10.15 -17.58 -5.28
CA LYS B 84 10.38 -18.97 -5.65
C LYS B 84 10.38 -19.13 -7.18
N ILE B 85 9.43 -18.49 -7.83
CA ILE B 85 9.32 -18.55 -9.28
C ILE B 85 10.58 -17.93 -9.93
N LEU B 86 11.01 -16.77 -9.45
CA LEU B 86 12.21 -16.13 -9.99
C LEU B 86 13.43 -17.03 -9.82
N GLU B 87 13.54 -17.70 -8.68
CA GLU B 87 14.67 -18.59 -8.41
C GLU B 87 14.58 -19.82 -9.32
N ASN B 88 13.38 -20.38 -9.48
CA ASN B 88 13.20 -21.57 -10.32
C ASN B 88 13.56 -21.27 -11.79
N LEU B 89 13.25 -20.04 -12.24
CA LEU B 89 13.42 -19.66 -13.64
C LEU B 89 14.78 -19.04 -13.94
N ARG B 90 15.56 -18.73 -12.89
CA ARG B 90 16.82 -18.01 -13.03
C ARG B 90 17.72 -18.70 -14.05
N GLY B 91 18.30 -17.91 -14.96
CA GLY B 91 19.13 -18.45 -16.02
C GLY B 91 18.37 -18.79 -17.29
N GLY B 92 17.05 -18.89 -17.24
CA GLY B 92 16.30 -19.31 -18.41
C GLY B 92 16.20 -18.17 -19.42
N PRO B 93 15.90 -18.54 -20.67
CA PRO B 93 15.97 -17.60 -21.78
C PRO B 93 15.02 -16.42 -21.62
N ASN B 94 15.63 -15.23 -21.61
CA ASN B 94 14.90 -13.97 -21.59
C ASN B 94 14.10 -13.78 -20.30
N ILE B 95 14.42 -14.50 -19.23
CA ILE B 95 13.80 -14.24 -17.94
C ILE B 95 14.65 -13.20 -17.19
N ILE B 96 14.03 -12.19 -16.60
CA ILE B 96 14.71 -11.30 -15.65
C ILE B 96 15.48 -12.12 -14.59
N THR B 97 16.68 -11.68 -14.28
CA THR B 97 17.52 -12.32 -13.28
C THR B 97 17.39 -11.61 -11.94
N LEU B 98 16.91 -12.37 -10.95
CA LEU B 98 16.88 -11.91 -9.58
C LEU B 98 18.26 -12.07 -8.98
N ALA B 99 18.87 -10.95 -8.61
CA ALA B 99 20.18 -10.91 -7.97
C ALA B 99 20.11 -11.04 -6.44
N ASP B 100 19.06 -10.56 -5.76
CA ASP B 100 19.15 -10.45 -4.31
C ASP B 100 17.79 -10.07 -3.76
N ILE B 101 17.61 -10.19 -2.45
CA ILE B 101 16.37 -9.90 -1.78
C ILE B 101 16.74 -9.23 -0.47
N VAL B 102 16.22 -8.02 -0.20
CA VAL B 102 16.64 -7.30 0.99
C VAL B 102 15.41 -6.75 1.70
N LYS B 103 15.67 -6.21 2.89
CA LYS B 103 14.71 -5.53 3.72
C LYS B 103 15.35 -4.23 4.18
N ASP B 104 14.54 -3.16 4.15
CA ASP B 104 14.69 -1.96 4.98
C ASP B 104 14.58 -2.26 6.50
N PRO B 105 15.70 -2.11 7.28
CA PRO B 105 15.70 -2.36 8.73
C PRO B 105 15.05 -1.27 9.59
N VAL B 106 14.77 -0.11 8.97
CA VAL B 106 13.95 0.94 9.59
C VAL B 106 12.46 0.67 9.31
N SER B 107 12.08 0.31 8.06
CA SER B 107 10.68 0.27 7.64
C SER B 107 10.18 -1.14 7.27
N ARG B 108 11.02 -2.19 7.44
CA ARG B 108 10.62 -3.58 7.20
C ARG B 108 9.97 -3.82 5.84
N THR B 109 10.09 -2.92 4.85
CA THR B 109 9.64 -3.17 3.48
C THR B 109 10.58 -4.13 2.73
N PRO B 110 10.08 -5.18 2.03
CA PRO B 110 10.93 -6.07 1.24
C PRO B 110 11.17 -5.58 -0.19
N ALA B 111 12.37 -5.85 -0.72
CA ALA B 111 12.78 -5.29 -1.99
C ALA B 111 13.52 -6.37 -2.76
N LEU B 112 13.16 -6.52 -4.03
CA LEU B 112 13.83 -7.45 -4.95
C LEU B 112 14.90 -6.68 -5.72
N VAL B 113 16.08 -7.28 -5.89
CA VAL B 113 17.16 -6.66 -6.61
C VAL B 113 17.38 -7.47 -7.89
N PHE B 114 17.34 -6.77 -9.01
CA PHE B 114 17.51 -7.38 -10.32
C PHE B 114 18.79 -6.90 -10.99
N GLU B 115 19.27 -7.77 -11.91
CA GLU B 115 20.19 -7.43 -12.99
C GLU B 115 19.66 -6.20 -13.73
N HIS B 116 20.55 -5.25 -14.06
CA HIS B 116 20.24 -4.03 -14.81
C HIS B 116 20.16 -4.30 -16.32
N VAL B 117 19.02 -3.98 -16.95
CA VAL B 117 18.87 -4.09 -18.39
C VAL B 117 18.62 -2.67 -18.88
N ASN B 118 19.43 -2.21 -19.86
CA ASN B 118 19.27 -0.88 -20.45
C ASN B 118 18.10 -0.96 -21.44
N ASN B 119 16.86 -0.83 -20.91
CA ASN B 119 15.58 -0.74 -21.64
C ASN B 119 15.46 0.57 -22.42
N THR B 120 15.11 0.46 -23.71
CA THR B 120 14.97 1.58 -24.63
C THR B 120 13.48 1.76 -24.92
N ASP B 121 12.90 2.87 -24.43
CA ASP B 121 11.46 3.13 -24.48
C ASP B 121 10.93 2.91 -25.90
N PHE B 122 9.87 2.08 -26.01
CA PHE B 122 9.22 1.83 -27.29
C PHE B 122 8.08 2.83 -27.48
N LYS B 123 8.42 4.12 -27.37
CA LYS B 123 7.67 5.23 -27.94
C LYS B 123 8.44 5.75 -29.15
N GLN B 124 9.77 5.93 -28.98
CA GLN B 124 10.69 6.18 -30.08
C GLN B 124 10.88 4.89 -30.89
N LEU B 125 10.40 3.75 -30.37
CA LEU B 125 10.50 2.47 -31.07
C LEU B 125 9.19 2.15 -31.80
N TYR B 126 8.03 2.50 -31.21
CA TYR B 126 6.73 1.99 -31.66
C TYR B 126 6.19 2.76 -32.87
N GLN B 127 6.96 3.72 -33.39
CA GLN B 127 6.60 4.42 -34.62
C GLN B 127 7.60 4.11 -35.74
N THR B 128 8.54 3.17 -35.51
CA THR B 128 9.54 2.79 -36.52
C THR B 128 9.91 1.30 -36.47
N LEU B 129 9.12 0.46 -35.76
CA LEU B 129 9.31 -1.00 -35.77
C LEU B 129 9.03 -1.57 -37.15
N THR B 130 9.98 -2.38 -37.64
CA THR B 130 9.84 -3.08 -38.89
C THR B 130 9.07 -4.38 -38.67
N ASP B 131 8.56 -4.94 -39.78
CA ASP B 131 8.00 -6.29 -39.80
C ASP B 131 8.99 -7.28 -39.19
N TYR B 132 10.27 -7.21 -39.60
CA TYR B 132 11.28 -8.11 -39.08
C TYR B 132 11.41 -7.97 -37.56
N ASP B 133 11.48 -6.72 -37.10
CA ASP B 133 11.67 -6.48 -35.67
C ASP B 133 10.54 -7.13 -34.87
N ILE B 134 9.30 -6.99 -35.31
CA ILE B 134 8.17 -7.55 -34.59
C ILE B 134 8.30 -9.08 -34.52
N ARG B 135 8.61 -9.71 -35.65
CA ARG B 135 8.79 -11.16 -35.67
C ARG B 135 9.92 -11.55 -34.71
N PHE B 136 11.03 -10.83 -34.73
CA PHE B 136 12.19 -11.15 -33.91
C PHE B 136 11.83 -11.07 -32.42
N TYR B 137 11.26 -9.94 -32.00
CA TYR B 137 10.97 -9.76 -30.58
C TYR B 137 9.84 -10.72 -30.13
N MET B 138 8.85 -10.97 -30.99
CA MET B 138 7.82 -11.96 -30.66
C MET B 138 8.48 -13.33 -30.42
N TYR B 139 9.44 -13.72 -31.25
CA TYR B 139 10.13 -15.01 -31.09
C TYR B 139 10.85 -15.03 -29.73
N GLU B 140 11.51 -13.92 -29.38
CA GLU B 140 12.24 -13.82 -28.11
C GLU B 140 11.25 -14.00 -26.92
N ILE B 141 10.06 -13.39 -27.01
CA ILE B 141 9.06 -13.54 -25.94
C ILE B 141 8.64 -15.02 -25.88
N LEU B 142 8.41 -15.63 -27.05
CA LEU B 142 8.00 -17.04 -27.09
C LEU B 142 9.05 -17.93 -26.44
N LYS B 143 10.33 -17.64 -26.59
CA LYS B 143 11.35 -18.45 -25.91
C LYS B 143 11.17 -18.39 -24.39
N ALA B 144 10.87 -17.21 -23.84
CA ALA B 144 10.65 -17.04 -22.41
C ALA B 144 9.39 -17.80 -21.96
N LEU B 145 8.30 -17.70 -22.74
CA LEU B 145 7.05 -18.35 -22.40
C LEU B 145 7.16 -19.88 -22.51
N ASP B 146 7.75 -20.39 -23.58
CA ASP B 146 7.94 -21.83 -23.67
C ASP B 146 8.76 -22.30 -22.46
N TYR B 147 9.78 -21.54 -22.11
CA TYR B 147 10.61 -21.95 -20.98
C TYR B 147 9.80 -21.96 -19.69
N CYS B 148 9.12 -20.87 -19.36
CA CYS B 148 8.41 -20.83 -18.09
C CYS B 148 7.29 -21.85 -18.06
N HIS B 149 6.56 -22.03 -19.16
CA HIS B 149 5.53 -23.06 -19.23
C HIS B 149 6.13 -24.44 -19.00
N SER B 150 7.29 -24.71 -19.63
CA SER B 150 7.93 -26.02 -19.51
C SER B 150 8.38 -26.26 -18.06
N MET B 151 8.59 -25.18 -17.32
CA MET B 151 9.00 -25.19 -15.92
C MET B 151 7.77 -25.13 -15.00
N GLY B 152 6.57 -25.28 -15.57
CA GLY B 152 5.37 -25.42 -14.77
C GLY B 152 4.80 -24.08 -14.27
N ILE B 153 5.12 -22.97 -14.94
CA ILE B 153 4.72 -21.65 -14.48
C ILE B 153 3.97 -20.90 -15.58
N MET B 154 2.80 -20.32 -15.20
CA MET B 154 2.09 -19.36 -16.05
C MET B 154 2.47 -17.94 -15.61
N HIS B 155 2.80 -17.06 -16.57
CA HIS B 155 3.14 -15.68 -16.21
C HIS B 155 1.90 -14.90 -15.73
N ARG B 156 0.83 -14.94 -16.54
CA ARG B 156 -0.51 -14.48 -16.21
C ARG B 156 -0.62 -12.96 -16.23
N ASP B 157 0.39 -12.25 -16.68
CA ASP B 157 0.32 -10.79 -16.81
C ASP B 157 1.19 -10.33 -17.99
N VAL B 158 1.08 -11.06 -19.11
CA VAL B 158 1.81 -10.70 -20.31
C VAL B 158 1.18 -9.44 -20.93
N LYS B 159 2.01 -8.42 -21.15
CA LYS B 159 1.60 -7.14 -21.71
C LYS B 159 2.87 -6.35 -22.01
N PRO B 160 2.77 -5.29 -22.83
CA PRO B 160 3.94 -4.48 -23.20
C PRO B 160 4.76 -3.96 -22.02
N HIS B 161 4.07 -3.55 -20.94
CA HIS B 161 4.78 -3.01 -19.78
C HIS B 161 5.69 -4.04 -19.13
N ASN B 162 5.41 -5.33 -19.34
CA ASN B 162 6.14 -6.43 -18.72
C ASN B 162 7.19 -7.02 -19.68
N VAL B 163 7.46 -6.33 -20.78
CA VAL B 163 8.46 -6.79 -21.75
C VAL B 163 9.48 -5.67 -21.90
N MET B 164 10.66 -5.87 -21.39
CA MET B 164 11.73 -4.89 -21.58
C MET B 164 12.48 -5.23 -22.86
N ILE B 165 12.82 -4.20 -23.64
CA ILE B 165 13.70 -4.36 -24.81
C ILE B 165 14.90 -3.40 -24.71
N ASP B 166 16.11 -3.94 -24.74
CA ASP B 166 17.32 -3.18 -25.06
C ASP B 166 17.53 -3.28 -26.55
N HIS B 167 16.97 -2.35 -27.31
CA HIS B 167 16.97 -2.48 -28.77
C HIS B 167 18.38 -2.56 -29.38
N GLU B 168 19.30 -1.74 -28.90
CA GLU B 168 20.69 -1.69 -29.37
C GLU B 168 21.35 -3.07 -29.33
N HIS B 169 21.01 -3.82 -28.29
CA HIS B 169 21.62 -5.13 -28.08
C HIS B 169 20.68 -6.26 -28.50
N ARG B 170 19.53 -5.92 -29.13
CA ARG B 170 18.55 -6.94 -29.55
C ARG B 170 18.28 -7.91 -28.39
N LYS B 171 18.07 -7.33 -27.20
CA LYS B 171 17.90 -8.08 -25.97
C LYS B 171 16.49 -7.83 -25.44
N LEU B 172 15.82 -8.91 -25.03
CA LEU B 172 14.46 -8.83 -24.50
C LEU B 172 14.37 -9.58 -23.17
N ARG B 173 13.64 -9.01 -22.22
CA ARG B 173 13.43 -9.68 -20.94
C ARG B 173 11.96 -9.59 -20.54
N LEU B 174 11.40 -10.72 -20.09
CA LEU B 174 10.09 -10.77 -19.47
C LEU B 174 10.25 -10.50 -17.98
N ILE B 175 9.52 -9.47 -17.50
CA ILE B 175 9.60 -8.98 -16.12
C ILE B 175 8.24 -9.17 -15.42
N ASP B 176 8.21 -8.77 -14.15
CA ASP B 176 7.02 -8.68 -13.30
C ASP B 176 6.29 -9.99 -13.11
N TRP B 177 7.00 -10.88 -12.42
CA TRP B 177 6.52 -12.23 -12.10
C TRP B 177 5.61 -12.27 -10.88
N GLY B 178 5.11 -11.09 -10.46
CA GLY B 178 4.31 -10.99 -9.23
C GLY B 178 2.94 -11.64 -9.31
N LEU B 179 2.43 -11.88 -10.53
CA LEU B 179 1.14 -12.53 -10.73
C LEU B 179 1.30 -13.99 -11.17
N ALA B 180 2.54 -14.42 -11.44
CA ALA B 180 2.78 -15.76 -11.97
C ALA B 180 2.48 -16.82 -10.92
N GLU B 181 2.16 -18.03 -11.39
CA GLU B 181 1.60 -19.10 -10.57
C GLU B 181 2.00 -20.42 -11.19
N PHE B 182 2.11 -21.47 -10.34
CA PHE B 182 2.39 -22.82 -10.76
C PHE B 182 1.13 -23.45 -11.34
N TYR B 183 1.26 -24.16 -12.47
CA TYR B 183 0.19 -24.96 -13.06
C TYR B 183 0.12 -26.35 -12.40
N HIS B 184 -1.07 -26.68 -11.90
CA HIS B 184 -1.39 -27.98 -11.37
C HIS B 184 -2.67 -28.39 -12.04
N PRO B 185 -2.73 -29.60 -12.63
CA PRO B 185 -3.95 -30.07 -13.27
C PRO B 185 -5.11 -30.15 -12.27
N GLY B 186 -6.26 -29.55 -12.62
CA GLY B 186 -7.39 -29.57 -11.74
C GLY B 186 -7.56 -28.30 -10.90
N GLN B 187 -6.51 -27.48 -10.79
CA GLN B 187 -6.59 -26.35 -9.91
C GLN B 187 -7.47 -25.25 -10.53
N GLU B 188 -8.32 -24.67 -9.67
CA GLU B 188 -9.19 -23.53 -9.93
C GLU B 188 -8.50 -22.26 -9.46
N TYR B 189 -8.09 -21.43 -10.44
CA TYR B 189 -7.31 -20.22 -10.20
C TYR B 189 -8.21 -18.98 -10.12
N ASN B 190 -7.65 -17.93 -9.54
CA ASN B 190 -8.32 -16.64 -9.44
C ASN B 190 -8.34 -16.03 -10.84
N VAL B 191 -9.52 -15.59 -11.30
CA VAL B 191 -9.64 -14.99 -12.63
C VAL B 191 -9.31 -13.51 -12.57
N ARG B 192 -9.09 -12.92 -11.38
CA ARG B 192 -8.78 -11.48 -11.28
C ARG B 192 -7.26 -11.32 -11.47
N VAL B 193 -6.80 -11.64 -12.67
CA VAL B 193 -5.39 -11.49 -13.04
C VAL B 193 -5.35 -10.74 -14.38
N ALA B 194 -4.25 -10.04 -14.61
CA ALA B 194 -3.91 -9.46 -15.88
C ALA B 194 -4.62 -8.13 -16.06
N SER B 195 -4.05 -7.31 -16.93
CA SER B 195 -4.65 -6.03 -17.23
C SER B 195 -5.82 -6.28 -18.19
N ARG B 196 -6.86 -5.44 -18.06
CA ARG B 196 -8.12 -5.55 -18.79
C ARG B 196 -7.91 -5.94 -20.25
N TYR B 197 -7.07 -5.20 -20.97
CA TYR B 197 -6.96 -5.32 -22.41
C TYR B 197 -6.39 -6.67 -22.84
N PHE B 198 -5.74 -7.37 -21.89
CA PHE B 198 -4.98 -8.58 -22.15
C PHE B 198 -5.65 -9.79 -21.52
N LYS B 199 -6.82 -9.60 -20.88
CA LYS B 199 -7.50 -10.71 -20.22
C LYS B 199 -8.05 -11.67 -21.27
N GLY B 200 -7.81 -12.97 -21.06
CA GLY B 200 -8.40 -14.02 -21.86
C GLY B 200 -9.90 -14.13 -21.63
N PRO B 201 -10.66 -14.62 -22.63
CA PRO B 201 -12.08 -14.91 -22.44
C PRO B 201 -12.37 -15.75 -21.20
N GLU B 202 -11.48 -16.70 -20.87
CA GLU B 202 -11.68 -17.55 -19.69
C GLU B 202 -11.79 -16.68 -18.45
N LEU B 203 -10.98 -15.63 -18.34
CA LEU B 203 -11.05 -14.77 -17.17
C LEU B 203 -12.39 -14.03 -17.15
N LEU B 204 -12.78 -13.53 -18.32
CA LEU B 204 -13.94 -12.63 -18.43
C LEU B 204 -15.25 -13.39 -18.18
N VAL B 205 -15.29 -14.70 -18.48
CA VAL B 205 -16.48 -15.52 -18.24
C VAL B 205 -16.37 -16.26 -16.91
N ASP B 206 -15.29 -16.07 -16.15
CA ASP B 206 -15.08 -16.69 -14.83
C ASP B 206 -14.94 -18.23 -14.95
N TYR B 207 -14.11 -18.68 -15.90
CA TYR B 207 -13.71 -20.07 -16.02
C TYR B 207 -12.36 -20.22 -15.33
N GLN B 208 -12.35 -20.92 -14.19
CA GLN B 208 -11.21 -20.89 -13.29
C GLN B 208 -10.13 -21.94 -13.62
N MET B 209 -10.48 -23.00 -14.36
CA MET B 209 -9.57 -24.12 -14.55
C MET B 209 -8.71 -23.89 -15.80
N TYR B 210 -8.07 -22.71 -15.82
CA TYR B 210 -7.29 -22.24 -16.96
C TYR B 210 -5.83 -22.67 -16.82
N ASP B 211 -4.99 -22.32 -17.81
CA ASP B 211 -3.62 -22.84 -17.84
C ASP B 211 -2.70 -21.85 -18.55
N TYR B 212 -1.55 -22.37 -19.00
CA TYR B 212 -0.51 -21.64 -19.72
C TYR B 212 -1.08 -20.88 -20.91
N SER B 213 -2.15 -21.43 -21.51
CA SER B 213 -2.76 -20.89 -22.72
C SER B 213 -3.26 -19.44 -22.53
N LEU B 214 -3.51 -19.05 -21.28
CA LEU B 214 -3.87 -17.65 -20.97
C LEU B 214 -2.81 -16.71 -21.56
N ASP B 215 -1.54 -17.06 -21.36
CA ASP B 215 -0.43 -16.23 -21.78
C ASP B 215 -0.45 -16.01 -23.30
N MET B 216 -0.92 -17.04 -24.02
CA MET B 216 -0.93 -17.02 -25.48
C MET B 216 -2.02 -16.08 -26.01
N TRP B 217 -3.15 -15.98 -25.30
CA TRP B 217 -4.16 -14.96 -25.63
C TRP B 217 -3.53 -13.57 -25.47
N SER B 218 -2.92 -13.32 -24.31
CA SER B 218 -2.31 -12.01 -24.04
C SER B 218 -1.31 -11.65 -25.14
N LEU B 219 -0.50 -12.64 -25.53
CA LEU B 219 0.49 -12.44 -26.57
C LEU B 219 -0.21 -12.04 -27.88
N GLY B 220 -1.29 -12.75 -28.23
CA GLY B 220 -2.05 -12.41 -29.41
C GLY B 220 -2.55 -10.96 -29.38
N CYS B 221 -2.99 -10.51 -28.20
CA CYS B 221 -3.45 -9.13 -28.05
C CYS B 221 -2.31 -8.15 -28.37
N MET B 222 -1.11 -8.46 -27.87
CA MET B 222 0.06 -7.65 -28.15
C MET B 222 0.34 -7.61 -29.66
N LEU B 223 0.35 -8.81 -30.29
CA LEU B 223 0.67 -8.89 -31.70
C LEU B 223 -0.32 -8.05 -32.51
N ALA B 224 -1.61 -8.18 -32.22
CA ALA B 224 -2.63 -7.42 -32.93
C ALA B 224 -2.35 -5.93 -32.81
N SER B 225 -2.04 -5.47 -31.59
CA SER B 225 -1.83 -4.04 -31.36
C SER B 225 -0.63 -3.54 -32.19
N MET B 226 0.40 -4.37 -32.35
CA MET B 226 1.63 -4.00 -33.03
C MET B 226 1.40 -3.98 -34.55
N ILE B 227 0.86 -5.05 -35.14
CA ILE B 227 0.74 -5.15 -36.60
C ILE B 227 -0.33 -4.19 -37.11
N PHE B 228 -1.34 -3.91 -36.27
CA PHE B 228 -2.46 -3.09 -36.73
C PHE B 228 -2.30 -1.64 -36.27
N ARG B 229 -1.27 -1.33 -35.45
CA ARG B 229 -1.07 0.01 -34.93
C ARG B 229 -2.34 0.48 -34.21
N LYS B 230 -2.79 -0.32 -33.25
CA LYS B 230 -4.02 -0.09 -32.54
C LYS B 230 -3.80 -0.56 -31.12
N GLU B 231 -3.53 0.40 -30.24
CA GLU B 231 -3.22 0.11 -28.84
C GLU B 231 -4.28 0.77 -27.96
N PRO B 232 -5.08 0.02 -27.17
CA PRO B 232 -5.09 -1.44 -27.15
C PRO B 232 -5.90 -1.98 -28.34
N PHE B 233 -5.78 -3.27 -28.64
CA PHE B 233 -6.58 -3.83 -29.73
C PHE B 233 -8.04 -4.02 -29.31
N PHE B 234 -8.24 -4.71 -28.18
CA PHE B 234 -9.55 -4.84 -27.55
C PHE B 234 -9.62 -3.80 -26.43
N HIS B 235 -10.27 -2.65 -26.71
CA HIS B 235 -10.29 -1.51 -25.79
C HIS B 235 -11.61 -1.47 -25.03
N GLY B 236 -11.81 -2.33 -24.04
CA GLY B 236 -13.04 -2.32 -23.28
C GLY B 236 -13.05 -1.25 -22.20
N HIS B 237 -14.26 -0.81 -21.81
CA HIS B 237 -14.42 0.18 -20.76
C HIS B 237 -14.33 -0.44 -19.36
N ASP B 238 -14.70 -1.72 -19.29
CA ASP B 238 -14.73 -2.47 -18.05
C ASP B 238 -14.60 -3.93 -18.45
N ASN B 239 -14.68 -4.86 -17.50
CA ASN B 239 -14.41 -6.26 -17.79
C ASN B 239 -15.52 -6.87 -18.66
N TYR B 240 -16.75 -6.36 -18.49
CA TYR B 240 -17.89 -6.86 -19.25
C TYR B 240 -17.78 -6.41 -20.70
N ASP B 241 -17.62 -5.10 -20.87
CA ASP B 241 -17.43 -4.48 -22.17
C ASP B 241 -16.18 -5.05 -22.85
N GLN B 242 -15.18 -5.48 -22.08
CA GLN B 242 -14.00 -6.07 -22.72
C GLN B 242 -14.40 -7.31 -23.53
N LEU B 243 -15.25 -8.17 -22.98
CA LEU B 243 -15.69 -9.33 -23.72
C LEU B 243 -16.53 -8.91 -24.93
N VAL B 244 -17.33 -7.85 -24.79
CA VAL B 244 -18.08 -7.32 -25.93
C VAL B 244 -17.14 -6.89 -27.06
N ARG B 245 -16.05 -6.22 -26.73
CA ARG B 245 -15.12 -5.76 -27.75
C ARG B 245 -14.52 -6.96 -28.48
N ILE B 246 -14.17 -8.01 -27.73
CA ILE B 246 -13.66 -9.24 -28.34
C ILE B 246 -14.73 -9.84 -29.25
N ALA B 247 -15.96 -9.93 -28.77
CA ALA B 247 -17.07 -10.55 -29.51
C ALA B 247 -17.37 -9.83 -30.82
N LYS B 248 -17.14 -8.52 -30.86
CA LYS B 248 -17.37 -7.75 -32.08
C LYS B 248 -16.36 -8.11 -33.17
N VAL B 249 -15.26 -8.76 -32.77
CA VAL B 249 -14.22 -9.17 -33.72
C VAL B 249 -14.29 -10.68 -34.00
N LEU B 250 -14.20 -11.48 -32.94
CA LEU B 250 -14.18 -12.94 -33.03
C LEU B 250 -15.58 -13.50 -33.32
N GLY B 251 -16.62 -12.70 -33.08
CA GLY B 251 -17.99 -13.11 -33.30
C GLY B 251 -18.62 -13.78 -32.08
N THR B 252 -19.93 -13.73 -32.01
CA THR B 252 -20.65 -14.28 -30.86
C THR B 252 -20.91 -15.78 -31.03
N GLU B 253 -20.95 -16.31 -32.27
CA GLU B 253 -21.25 -17.74 -32.49
C GLU B 253 -20.22 -18.61 -31.73
N ASP B 254 -18.92 -18.27 -31.91
CA ASP B 254 -17.82 -19.05 -31.31
C ASP B 254 -17.82 -18.86 -29.80
N LEU B 255 -18.22 -17.69 -29.33
CA LEU B 255 -18.27 -17.40 -27.88
C LEU B 255 -19.28 -18.34 -27.22
N TYR B 256 -20.49 -18.39 -27.78
CA TYR B 256 -21.56 -19.22 -27.24
C TYR B 256 -21.18 -20.71 -27.41
N ASP B 257 -20.45 -21.06 -28.48
CA ASP B 257 -19.97 -22.46 -28.62
C ASP B 257 -19.03 -22.84 -27.46
N TYR B 258 -18.13 -21.92 -27.06
CA TYR B 258 -17.18 -22.09 -25.98
C TYR B 258 -17.93 -22.26 -24.67
N ILE B 259 -18.90 -21.39 -24.41
CA ILE B 259 -19.71 -21.43 -23.20
C ILE B 259 -20.43 -22.78 -23.12
N ASP B 260 -20.98 -23.24 -24.25
CA ASP B 260 -21.68 -24.53 -24.27
C ASP B 260 -20.70 -25.67 -23.97
N LYS B 261 -19.52 -25.65 -24.60
CA LYS B 261 -18.57 -26.76 -24.50
C LYS B 261 -18.15 -26.97 -23.03
N TYR B 262 -17.96 -25.86 -22.31
CA TYR B 262 -17.47 -25.96 -20.92
C TYR B 262 -18.62 -25.87 -19.92
N ASN B 263 -19.87 -25.79 -20.39
CA ASN B 263 -21.03 -25.64 -19.52
C ASN B 263 -20.82 -24.48 -18.56
N ILE B 264 -20.38 -23.36 -19.11
CA ILE B 264 -20.13 -22.17 -18.30
C ILE B 264 -21.45 -21.45 -18.05
N GLU B 265 -21.62 -21.00 -16.80
CA GLU B 265 -22.75 -20.18 -16.40
C GLU B 265 -22.40 -18.71 -16.64
N LEU B 266 -23.05 -18.13 -17.63
CA LEU B 266 -22.71 -16.80 -18.05
C LEU B 266 -23.43 -15.84 -17.12
N ASP B 267 -22.68 -14.89 -16.56
CA ASP B 267 -23.26 -13.81 -15.77
C ASP B 267 -24.36 -13.14 -16.60
N PRO B 268 -25.57 -12.89 -16.04
CA PRO B 268 -26.70 -12.36 -16.82
C PRO B 268 -26.53 -10.96 -17.43
N ARG B 269 -25.64 -10.15 -16.82
CA ARG B 269 -25.23 -8.85 -17.37
C ARG B 269 -24.83 -9.00 -18.83
N PHE B 270 -24.36 -10.21 -19.20
CA PHE B 270 -23.78 -10.44 -20.52
C PHE B 270 -24.87 -10.66 -21.57
N ASN B 271 -26.02 -11.23 -21.18
CA ASN B 271 -27.07 -11.48 -22.15
C ASN B 271 -27.55 -10.13 -22.71
N ASP B 272 -27.71 -9.15 -21.82
CA ASP B 272 -28.25 -7.87 -22.21
C ASP B 272 -27.33 -7.15 -23.21
N ILE B 273 -26.02 -7.46 -23.24
CA ILE B 273 -25.07 -6.58 -23.93
C ILE B 273 -24.25 -7.27 -25.03
N LEU B 274 -24.14 -8.61 -25.05
CA LEU B 274 -23.31 -9.31 -26.02
C LEU B 274 -23.88 -9.19 -27.43
N GLY B 275 -25.21 -9.27 -27.55
CA GLY B 275 -25.86 -9.21 -28.86
C GLY B 275 -25.42 -10.35 -29.79
N ARG B 276 -25.41 -10.03 -31.09
CA ARG B 276 -25.10 -10.95 -32.16
C ARG B 276 -24.11 -10.22 -33.05
N HIS B 277 -22.94 -10.84 -33.26
CA HIS B 277 -21.90 -10.27 -34.12
C HIS B 277 -21.32 -11.36 -34.97
N SER B 278 -21.08 -11.00 -36.23
CA SER B 278 -20.32 -11.83 -37.16
C SER B 278 -18.84 -11.88 -36.76
N ARG B 279 -18.17 -12.99 -37.11
CA ARG B 279 -16.72 -13.03 -37.05
C ARG B 279 -16.16 -12.19 -38.19
N LYS B 280 -15.30 -11.22 -37.88
CA LYS B 280 -14.72 -10.32 -38.85
C LYS B 280 -13.48 -10.92 -39.49
N ARG B 281 -13.28 -10.64 -40.77
CA ARG B 281 -12.00 -10.86 -41.40
C ARG B 281 -11.00 -9.81 -40.93
N TRP B 282 -9.75 -10.23 -40.73
CA TRP B 282 -8.67 -9.38 -40.26
C TRP B 282 -8.36 -8.23 -41.20
N GLU B 283 -8.82 -8.35 -42.45
CA GLU B 283 -8.61 -7.29 -43.45
C GLU B 283 -9.24 -5.94 -43.06
N ARG B 284 -10.21 -5.95 -42.15
CA ARG B 284 -10.95 -4.73 -41.81
C ARG B 284 -10.10 -3.81 -40.93
N PHE B 285 -8.99 -4.32 -40.35
CA PHE B 285 -8.10 -3.54 -39.49
C PHE B 285 -6.87 -3.09 -40.27
N VAL B 286 -6.73 -3.49 -41.55
CA VAL B 286 -5.54 -3.12 -42.33
C VAL B 286 -5.81 -1.77 -42.99
N HIS B 287 -4.79 -0.91 -43.01
CA HIS B 287 -4.84 0.38 -43.66
C HIS B 287 -3.44 0.68 -44.21
N SER B 288 -3.31 1.77 -44.99
CA SER B 288 -2.05 2.14 -45.67
C SER B 288 -0.87 2.28 -44.70
N GLU B 289 -1.15 2.73 -43.46
CA GLU B 289 -0.14 2.98 -42.41
C GLU B 289 0.42 1.69 -41.80
N ASN B 290 -0.38 0.61 -41.74
CA ASN B 290 -0.01 -0.61 -41.02
C ASN B 290 0.22 -1.78 -41.99
N GLN B 291 -0.01 -1.56 -43.28
CA GLN B 291 -0.04 -2.67 -44.23
C GLN B 291 1.32 -3.32 -44.35
N HIS B 292 2.40 -2.56 -44.10
CA HIS B 292 3.75 -3.07 -44.22
C HIS B 292 4.05 -4.09 -43.10
N LEU B 293 3.20 -4.15 -42.08
CA LEU B 293 3.40 -5.04 -40.91
C LEU B 293 2.57 -6.31 -41.05
N VAL B 294 1.66 -6.34 -42.03
CA VAL B 294 0.61 -7.36 -42.08
C VAL B 294 0.92 -8.26 -43.27
N SER B 295 0.93 -9.56 -43.03
CA SER B 295 1.16 -10.59 -44.04
C SER B 295 0.14 -11.67 -43.83
N PRO B 296 -0.08 -12.53 -44.83
CA PRO B 296 -0.87 -13.74 -44.60
C PRO B 296 -0.38 -14.55 -43.40
N GLU B 297 0.95 -14.65 -43.28
CA GLU B 297 1.58 -15.37 -42.19
C GLU B 297 1.19 -14.77 -40.85
N ALA B 298 1.31 -13.44 -40.74
CA ALA B 298 1.01 -12.74 -39.51
C ALA B 298 -0.44 -12.99 -39.11
N LEU B 299 -1.35 -12.91 -40.09
CA LEU B 299 -2.78 -13.05 -39.81
C LEU B 299 -3.13 -14.48 -39.42
N ASP B 300 -2.49 -15.46 -40.07
CA ASP B 300 -2.74 -16.87 -39.76
C ASP B 300 -2.30 -17.15 -38.32
N PHE B 301 -1.12 -16.65 -37.97
CA PHE B 301 -0.55 -16.82 -36.63
C PHE B 301 -1.47 -16.16 -35.59
N LEU B 302 -1.83 -14.91 -35.84
CA LEU B 302 -2.69 -14.16 -34.92
C LEU B 302 -4.01 -14.91 -34.67
N ASP B 303 -4.61 -15.40 -35.77
CA ASP B 303 -5.89 -16.10 -35.74
C ASP B 303 -5.80 -17.31 -34.81
N LYS B 304 -4.63 -17.94 -34.75
CA LYS B 304 -4.43 -19.20 -34.01
C LYS B 304 -4.06 -18.96 -32.56
N LEU B 305 -3.77 -17.70 -32.18
CA LEU B 305 -3.63 -17.28 -30.77
C LEU B 305 -4.98 -16.83 -30.20
N LEU B 306 -5.67 -15.96 -30.95
CA LEU B 306 -6.91 -15.35 -30.48
C LEU B 306 -8.11 -16.27 -30.69
N ARG B 307 -8.24 -17.35 -29.88
CA ARG B 307 -9.40 -18.22 -29.82
C ARG B 307 -9.99 -18.11 -28.41
N TYR B 308 -11.33 -18.09 -28.33
CA TYR B 308 -12.05 -18.26 -27.06
C TYR B 308 -11.56 -19.51 -26.31
N ASP B 309 -11.63 -20.65 -27.01
CA ASP B 309 -11.33 -21.94 -26.43
C ASP B 309 -9.82 -22.01 -26.17
N HIS B 310 -9.46 -21.95 -24.88
CA HIS B 310 -8.06 -21.98 -24.46
C HIS B 310 -7.36 -23.23 -25.02
N GLN B 311 -8.08 -24.35 -25.18
CA GLN B 311 -7.47 -25.60 -25.66
C GLN B 311 -7.09 -25.49 -27.15
N SER B 312 -7.67 -24.58 -27.92
CA SER B 312 -7.44 -24.50 -29.36
C SER B 312 -6.32 -23.53 -29.67
N ARG B 313 -5.85 -22.73 -28.69
CA ARG B 313 -4.79 -21.76 -28.97
C ARG B 313 -3.48 -22.53 -29.21
N LEU B 314 -2.60 -21.93 -30.01
CA LEU B 314 -1.24 -22.42 -30.14
C LEU B 314 -0.58 -22.53 -28.76
N THR B 315 0.23 -23.57 -28.59
CA THR B 315 1.21 -23.59 -27.52
C THR B 315 2.36 -22.66 -27.90
N ALA B 316 3.18 -22.28 -26.92
CA ALA B 316 4.39 -21.51 -27.23
C ALA B 316 5.28 -22.27 -28.23
N ARG B 317 5.44 -23.59 -28.07
CA ARG B 317 6.35 -24.34 -28.92
C ARG B 317 5.76 -24.44 -30.34
N GLU B 318 4.44 -24.60 -30.47
CA GLU B 318 3.80 -24.59 -31.80
C GLU B 318 3.97 -23.21 -32.44
N ALA B 319 3.78 -22.13 -31.68
CA ALA B 319 3.89 -20.77 -32.20
C ALA B 319 5.28 -20.53 -32.81
N MET B 320 6.29 -21.05 -32.14
CA MET B 320 7.69 -20.88 -32.56
C MET B 320 7.95 -21.59 -33.89
N GLU B 321 7.12 -22.57 -34.25
CA GLU B 321 7.29 -23.35 -35.49
C GLU B 321 6.48 -22.72 -36.63
N HIS B 322 5.73 -21.63 -36.36
CA HIS B 322 4.87 -21.04 -37.37
C HIS B 322 5.71 -20.40 -38.48
N PRO B 323 5.25 -20.48 -39.76
CA PRO B 323 5.87 -19.75 -40.87
C PRO B 323 6.21 -18.28 -40.66
N TYR B 324 5.46 -17.58 -39.81
CA TYR B 324 5.77 -16.19 -39.47
C TYR B 324 7.23 -16.03 -39.03
N PHE B 325 7.81 -17.07 -38.41
CA PHE B 325 9.14 -16.98 -37.83
C PHE B 325 10.24 -17.62 -38.70
N TYR B 326 9.88 -18.12 -39.88
CA TYR B 326 10.88 -18.86 -40.69
C TYR B 326 12.13 -17.99 -40.89
N THR B 327 11.94 -16.70 -41.14
CA THR B 327 13.11 -15.83 -41.44
C THR B 327 14.00 -15.70 -40.19
N VAL B 328 13.42 -15.31 -39.07
CA VAL B 328 14.21 -15.09 -37.83
C VAL B 328 14.93 -16.40 -37.47
N VAL B 329 14.29 -17.53 -37.75
CA VAL B 329 14.88 -18.84 -37.36
C VAL B 329 16.04 -19.14 -38.30
N LYS B 330 15.99 -18.63 -39.52
CA LYS B 330 17.18 -18.83 -40.40
C LYS B 330 18.35 -18.04 -39.82
N ASP B 331 18.20 -16.74 -39.60
CA ASP B 331 19.32 -15.87 -39.15
C ASP B 331 20.02 -16.40 -37.90
N GLN B 332 19.34 -17.22 -37.10
CA GLN B 332 19.93 -17.68 -35.82
C GLN B 332 20.68 -18.98 -36.05
C20 FWU C . -10.01 21.10 18.26
C21 FWU C . -9.59 21.61 19.61
C22 FWU C . -10.51 21.74 20.65
C23 FWU C . -10.11 22.15 21.91
C24 FWU C . -8.78 22.43 22.16
C25 FWU C . -7.85 22.30 21.15
C26 FWU C . -8.25 21.90 19.88
C11 FWU C . -11.48 8.91 10.39
C10 FWU C . -11.64 10.06 9.64
C12 FWU C . -12.51 8.43 11.14
C13 FWU C . -13.76 9.08 11.16
C14 FWU C . -13.94 10.26 10.39
C15 FWU C . -15.23 10.88 10.42
C16 FWU C . -16.23 10.31 11.16
C17 FWU C . -14.88 8.60 11.88
C18 FWU C . -10.48 19.12 16.97
C19 FWU C . -9.99 19.72 18.11
O1 FWU C . -14.43 12.08 8.18
S FWU C . -13.03 12.06 8.47
O FWU C . -12.08 11.90 7.40
C9 FWU C . -12.84 10.73 9.62
N2 FWU C . -16.08 9.18 11.89
N1 FWU C . -12.69 13.49 9.16
C8 FWU C . -11.71 13.69 10.21
C7 FWU C . -12.33 14.50 11.34
C6 FWU C . -12.12 16.01 11.18
C5 FWU C . -11.19 16.67 12.21
C4 FWU C . -11.69 18.02 12.70
N FWU C . -10.91 18.55 13.82
C3 FWU C . -11.77 19.23 14.79
C2 FWU C . -11.03 19.88 15.94
C1 FWU C . -11.03 21.26 16.05
C FWU C . -10.52 21.86 17.19
CL FWU C . -10.55 23.59 17.18
S SO4 D . 5.70 1.78 13.56
O1 SO4 D . 6.75 0.78 13.38
O2 SO4 D . 5.71 2.22 14.92
O3 SO4 D . 4.43 1.20 13.27
O4 SO4 D . 5.91 2.90 12.70
S SO4 E . 10.91 37.01 27.40
O1 SO4 E . 11.48 36.07 28.34
O2 SO4 E . 9.83 36.39 26.66
O3 SO4 E . 10.38 38.16 28.12
O4 SO4 E . 11.92 37.46 26.47
S SO4 F . 16.96 34.51 21.28
O1 SO4 F . 18.28 34.02 20.96
O2 SO4 F . 16.78 34.47 22.72
O3 SO4 F . 16.82 35.87 20.86
O4 SO4 F . 15.95 33.72 20.59
S SO4 G . -6.04 -11.88 6.65
O1 SO4 G . -4.76 -12.55 6.56
O2 SO4 G . -6.71 -12.27 7.87
O3 SO4 G . -6.85 -12.25 5.52
O4 SO4 G . -5.82 -10.44 6.65
S SO4 H . 8.78 11.86 9.54
O1 SO4 H . 9.46 11.01 8.59
O2 SO4 H . 7.89 11.07 10.37
O3 SO4 H . 8.00 12.87 8.82
O4 SO4 H . 9.76 12.50 10.36
S SO4 I . -6.37 -12.01 1.43
O1 SO4 I . -4.97 -12.34 1.56
O2 SO4 I . -7.15 -12.83 2.33
O3 SO4 I . -6.57 -10.62 1.74
O4 SO4 I . -6.79 -12.25 0.08
C20 FWU J . 6.82 -4.48 -27.12
C21 FWU J . 6.58 -5.44 -28.23
C22 FWU J . 5.32 -5.98 -28.47
C23 FWU J . 5.11 -6.85 -29.54
C24 FWU J . 6.14 -7.19 -30.38
C25 FWU J . 7.40 -6.68 -30.15
C26 FWU J . 7.63 -5.82 -29.09
C11 FWU J . 10.78 -4.08 -13.27
C10 FWU J . 10.53 -2.82 -13.78
C12 FWU J . 12.01 -4.66 -13.40
C13 FWU J . 13.05 -3.98 -14.07
C14 FWU J . 12.81 -2.67 -14.60
C15 FWU J . 13.90 -2.01 -15.24
C16 FWU J . 15.11 -2.65 -15.32
C17 FWU J . 14.35 -4.52 -14.23
C18 FWU J . 8.15 -4.06 -25.16
C19 FWU J . 7.68 -4.93 -26.13
O1 FWU J . 12.42 0.21 -15.04
S FWU J . 11.16 -0.46 -14.95
O FWU J . 10.08 0.10 -14.18
C9 FWU J . 11.52 -2.12 -14.42
N2 FWU J . 15.36 -3.87 -14.83
N1 FWU J . 10.60 -0.63 -16.47
C8 FWU J . 9.24 -1.13 -16.72
C7 FWU J . 8.72 -0.58 -18.03
C6 FWU J . 9.27 -1.28 -19.25
C5 FWU J . 8.29 -1.27 -20.41
C4 FWU J . 8.89 -1.49 -21.78
N FWU J . 7.90 -1.92 -22.77
C3 FWU J . 8.40 -1.78 -24.13
C2 FWU J . 7.76 -2.74 -25.11
C1 FWU J . 6.85 -2.29 -26.06
C FWU J . 6.39 -3.15 -27.05
CL FWU J . 5.28 -2.48 -28.20
S SO4 K . -3.76 -14.87 -6.99
O1 SO4 K . -3.55 -15.81 -5.90
O2 SO4 K . -4.14 -15.58 -8.19
O3 SO4 K . -4.82 -13.97 -6.65
O4 SO4 K . -2.55 -14.10 -7.24
S SO4 L . -19.94 -16.00 -38.27
O1 SO4 L . -18.99 -17.05 -38.01
O2 SO4 L . -20.70 -15.75 -37.07
O3 SO4 L . -20.85 -16.42 -39.32
O4 SO4 L . -19.24 -14.82 -38.69
S SO4 M . -21.88 -6.82 -36.72
O1 SO4 M . -21.44 -8.16 -36.99
O2 SO4 M . -23.13 -6.87 -36.00
O3 SO4 M . -20.90 -6.10 -35.94
O4 SO4 M . -22.05 -6.16 -38.00
S SO4 N . 10.04 -13.53 6.60
O1 SO4 N . 11.15 -13.23 7.47
O2 SO4 N . 9.23 -14.58 7.19
O3 SO4 N . 9.21 -12.36 6.42
O4 SO4 N . 10.54 -13.97 5.33
S SO4 O . -11.70 1.40 -29.83
O1 SO4 O . -10.52 0.59 -29.72
O2 SO4 O . -12.82 0.74 -29.18
O3 SO4 O . -11.50 2.68 -29.20
O4 SO4 O . -12.00 1.60 -31.23
S SO4 P . 21.07 -12.43 -23.39
O1 SO4 P . 21.57 -13.77 -23.24
O2 SO4 P . 21.53 -11.62 -22.29
O3 SO4 P . 19.63 -12.44 -23.42
O4 SO4 P . 21.52 -11.85 -24.63
S SO4 Q . -9.65 -6.61 -12.46
O1 SO4 Q . -8.51 -7.45 -12.22
O2 SO4 Q . -10.79 -7.43 -12.77
O3 SO4 Q . -9.93 -5.84 -11.29
O4 SO4 Q . -9.37 -5.74 -13.57
#